data_4OER
#
_entry.id   4OER
#
_cell.length_a   176.020
_cell.length_b   62.231
_cell.length_c   114.483
_cell.angle_alpha   90.00
_cell.angle_beta   105.30
_cell.angle_gamma   90.00
#
_symmetry.space_group_name_H-M   'C 1 2 1'
#
loop_
_entity.id
_entity.type
_entity.pdbx_description
1 polymer 'NikA protein'
2 non-polymer GLYCEROL
3 non-polymer 'SULFATE ION'
4 water water
#
_entity_poly.entity_id   1
_entity_poly.type   'polypeptide(L)'
_entity_poly.pdbx_seq_one_letter_code
;DPKLNFSWPVNVGPLNPHLYSPNQMFAQNMVYEPLVHYNADGTVGPWLAESWEASQDGRSYTFKLREDVKFSNGEVFDAA
AVKANIDTVLQNRPRHNWLELVNQMVSAEVVGPYKVRINLKKPYYPLLQELSLPRPFRFIAPSQFKNGGTADGIVAPIGT
GPWKLTETKLGEHDVFTRNDSYWGPKPAYEQITVKVIPDPNTRAIAFEAGEIDLIYGTEGPISPDTFERFQKMGIYNTEL
SEPLETRVLALNTNHGATKDLAVRKAINHAVDKDTMIATVLYGTQKRADTLFADNVPYANIGLKPYAFDPALAARLLDEA
GWTAKASGDIREKDGQPLAIELCFIGTDAISKSMAEIVQADLRKVGIDVKLTGEEESSIYARQRDGRFDMIFNQTWGAPY
DPHAFVSSMRVPSHADYQAQLGLPDKAKIDAEIGQVLVSTDETARQALYKDILTRLHEEAVYLPLTSVTAMAVAKPEVGK
ITFGAMSSEIPFEKLTPKAN
;
_entity_poly.pdbx_strand_id   A,B
#
loop_
_chem_comp.id
_chem_comp.type
_chem_comp.name
_chem_comp.formula
GOL non-polymer GLYCEROL 'C3 H8 O3'
SO4 non-polymer 'SULFATE ION' 'O4 S -2'
#
# COMPACT_ATOMS: atom_id res chain seq x y z
N ASP A 1 8.44 -16.85 12.40
CA ASP A 1 7.06 -16.40 12.60
C ASP A 1 6.78 -15.06 11.94
N PRO A 2 5.52 -14.81 11.58
CA PRO A 2 5.20 -13.62 10.77
C PRO A 2 5.24 -12.30 11.54
N LYS A 3 5.54 -11.24 10.81
CA LYS A 3 5.66 -9.90 11.36
C LYS A 3 4.66 -9.01 10.65
N LEU A 4 4.04 -8.10 11.39
CA LEU A 4 3.06 -7.19 10.81
C LEU A 4 3.58 -5.76 10.82
N ASN A 5 3.38 -5.05 9.72
CA ASN A 5 3.61 -3.61 9.70
C ASN A 5 2.27 -2.87 9.77
N PHE A 6 2.14 -1.98 10.75
CA PHE A 6 0.93 -1.23 11.04
C PHE A 6 1.26 0.27 11.00
N SER A 7 0.39 1.07 10.39
CA SER A 7 0.65 2.51 10.36
C SER A 7 -0.11 3.24 11.45
N TRP A 8 0.54 4.23 12.03
CA TRP A 8 -0.12 5.13 12.97
C TRP A 8 0.42 6.53 12.73
N PRO A 9 -0.40 7.56 12.97
CA PRO A 9 0.07 8.92 12.71
C PRO A 9 1.22 9.35 13.60
N VAL A 10 1.30 8.78 14.80
CA VAL A 10 2.30 9.17 15.80
C VAL A 10 2.98 7.97 16.50
N ASN A 11 4.09 8.23 17.20
CA ASN A 11 4.67 7.20 18.07
C ASN A 11 3.70 6.82 19.18
N VAL A 12 3.90 5.66 19.82
CA VAL A 12 2.91 5.15 20.78
C VAL A 12 3.03 5.85 22.12
N GLY A 13 4.16 6.51 22.35
CA GLY A 13 4.40 7.16 23.63
C GLY A 13 5.25 6.29 24.54
N PRO A 14 5.48 6.75 25.77
CA PRO A 14 6.28 5.95 26.72
C PRO A 14 5.53 4.77 27.31
N LEU A 15 4.23 4.72 27.05
CA LEU A 15 3.33 3.67 27.54
C LEU A 15 3.31 3.60 29.07
N ASN A 16 3.02 4.74 29.67
CA ASN A 16 2.65 4.81 31.07
C ASN A 16 1.19 4.41 31.15
N PRO A 17 0.87 3.44 32.02
CA PRO A 17 -0.52 2.96 32.10
C PRO A 17 -1.48 3.95 32.73
N HIS A 18 -0.94 4.95 33.43
CA HIS A 18 -1.78 5.81 34.27
C HIS A 18 -1.77 7.25 33.83
N LEU A 19 -1.38 7.49 32.58
CA LEU A 19 -1.42 8.83 32.03
C LEU A 19 -2.09 8.81 30.66
N TYR A 20 -2.32 9.99 30.10
CA TYR A 20 -3.11 10.10 28.89
C TYR A 20 -2.19 10.48 27.73
N SER A 21 -2.59 11.45 26.90
CA SER A 21 -1.71 11.89 25.82
C SER A 21 -0.35 12.26 26.42
N PRO A 22 0.76 11.90 25.76
CA PRO A 22 0.92 11.35 24.41
C PRO A 22 0.80 9.84 24.28
N ASN A 23 0.46 9.14 25.37
CA ASN A 23 0.27 7.70 25.30
C ASN A 23 -0.91 7.36 24.41
N GLN A 24 -0.70 6.44 23.46
CA GLN A 24 -1.79 6.03 22.59
C GLN A 24 -2.54 4.85 23.20
N MET A 25 -3.85 4.96 23.29
CA MET A 25 -4.67 3.97 23.96
C MET A 25 -4.54 2.56 23.36
N PHE A 26 -4.44 2.45 22.04
CA PHE A 26 -4.36 1.11 21.45
C PHE A 26 -3.08 0.41 21.90
N ALA A 27 -2.03 1.19 22.13
CA ALA A 27 -0.75 0.63 22.50
C ALA A 27 -0.74 0.26 23.97
N GLN A 28 -1.34 1.13 24.78
CA GLN A 28 -1.58 0.76 26.17
C GLN A 28 -2.35 -0.56 26.26
N ASN A 29 -3.32 -0.77 25.38
N ASN A 29 -3.30 -0.75 25.35
CA ASN A 29 -4.10 -2.02 25.40
CA ASN A 29 -4.12 -1.96 25.30
C ASN A 29 -3.30 -3.24 24.96
C ASN A 29 -3.37 -3.21 24.87
N MET A 30 -2.23 -3.02 24.21
CA MET A 30 -1.39 -4.14 23.80
C MET A 30 -0.54 -4.66 24.96
N VAL A 31 -0.16 -3.78 25.87
CA VAL A 31 0.81 -4.14 26.91
C VAL A 31 0.14 -4.35 28.27
N TYR A 32 -0.86 -3.54 28.58
CA TYR A 32 -1.49 -3.59 29.91
C TYR A 32 -2.91 -4.13 29.83
N GLU A 33 -3.39 -4.72 30.93
CA GLU A 33 -4.69 -5.39 30.93
C GLU A 33 -5.54 -4.96 32.11
N PRO A 34 -6.88 -5.01 31.93
CA PRO A 34 -7.78 -4.59 33.01
C PRO A 34 -8.27 -5.75 33.85
N LEU A 35 -8.97 -5.47 34.95
CA LEU A 35 -9.50 -6.55 35.76
C LEU A 35 -10.61 -7.30 35.03
N VAL A 36 -11.41 -6.54 34.28
CA VAL A 36 -12.57 -7.12 33.60
C VAL A 36 -12.56 -6.67 32.15
N HIS A 37 -13.16 -7.49 31.29
CA HIS A 37 -13.08 -7.30 29.84
C HIS A 37 -14.43 -6.91 29.22
N TYR A 38 -14.42 -5.88 28.36
CA TYR A 38 -15.64 -5.43 27.68
C TYR A 38 -15.84 -6.19 26.38
N ASN A 39 -16.97 -6.87 26.27
CA ASN A 39 -17.30 -7.67 25.08
C ASN A 39 -18.06 -6.88 24.01
N ALA A 40 -17.97 -7.31 22.76
CA ALA A 40 -18.58 -6.56 21.66
C ALA A 40 -20.09 -6.48 21.77
N ASP A 41 -20.70 -7.38 22.54
CA ASP A 41 -22.14 -7.38 22.71
C ASP A 41 -22.58 -6.52 23.89
N GLY A 42 -21.63 -5.82 24.50
CA GLY A 42 -21.94 -4.92 25.60
C GLY A 42 -21.82 -5.51 26.99
N THR A 43 -21.65 -6.82 27.09
CA THR A 43 -21.48 -7.45 28.38
C THR A 43 -20.05 -7.25 28.88
N VAL A 44 -19.84 -7.44 30.19
CA VAL A 44 -18.50 -7.40 30.76
C VAL A 44 -18.19 -8.77 31.35
N GLY A 45 -16.98 -9.27 31.12
CA GLY A 45 -16.60 -10.61 31.55
C GLY A 45 -15.28 -10.62 32.29
N PRO A 46 -14.89 -11.78 32.83
CA PRO A 46 -13.63 -11.94 33.55
C PRO A 46 -12.40 -11.61 32.70
N TRP A 47 -11.36 -11.08 33.31
CA TRP A 47 -10.07 -10.96 32.62
C TRP A 47 -8.97 -11.22 33.66
N LEU A 48 -8.23 -10.21 34.09
CA LEU A 48 -7.24 -10.44 35.16
C LEU A 48 -7.94 -10.82 36.48
N ALA A 49 -9.18 -10.36 36.66
CA ALA A 49 -10.02 -10.84 37.76
C ALA A 49 -10.87 -11.98 37.24
N GLU A 50 -10.79 -13.16 37.85
CA GLU A 50 -11.54 -14.29 37.34
C GLU A 50 -12.96 -14.28 37.90
N SER A 51 -13.16 -13.51 38.96
CA SER A 51 -14.44 -13.50 39.64
C SER A 51 -14.60 -12.22 40.45
N TRP A 52 -15.84 -11.83 40.72
CA TRP A 52 -16.06 -10.71 41.61
C TRP A 52 -17.41 -10.76 42.30
N GLU A 53 -17.50 -10.02 43.39
CA GLU A 53 -18.74 -9.89 44.12
C GLU A 53 -18.94 -8.45 44.54
N ALA A 54 -20.17 -7.97 44.41
CA ALA A 54 -20.53 -6.62 44.84
C ALA A 54 -21.25 -6.76 46.16
N SER A 55 -20.95 -5.89 47.11
CA SER A 55 -21.64 -5.92 48.40
C SER A 55 -23.14 -5.63 48.18
N GLN A 56 -23.94 -5.87 49.20
CA GLN A 56 -25.38 -5.77 49.03
C GLN A 56 -25.78 -4.31 48.78
N ASP A 57 -25.12 -3.38 49.46
CA ASP A 57 -25.39 -1.95 49.26
C ASP A 57 -24.72 -1.38 47.99
N GLY A 58 -23.99 -2.23 47.28
CA GLY A 58 -23.34 -1.82 46.05
C GLY A 58 -22.14 -0.89 46.19
N ARG A 59 -21.65 -0.71 47.41
CA ARG A 59 -20.53 0.22 47.65
C ARG A 59 -19.15 -0.43 47.68
N SER A 60 -19.10 -1.76 47.71
CA SER A 60 -17.81 -2.46 47.69
C SER A 60 -17.85 -3.59 46.68
N TYR A 61 -16.74 -3.80 45.96
CA TYR A 61 -16.57 -4.93 45.06
C TYR A 61 -15.28 -5.66 45.42
N THR A 62 -15.35 -6.97 45.58
CA THR A 62 -14.14 -7.74 45.84
C THR A 62 -13.81 -8.59 44.62
N PHE A 63 -12.61 -8.41 44.08
CA PHE A 63 -12.21 -9.10 42.86
C PHE A 63 -11.26 -10.21 43.22
N LYS A 64 -11.57 -11.42 42.74
CA LYS A 64 -10.69 -12.57 42.90
C LYS A 64 -9.86 -12.68 41.63
N LEU A 65 -8.53 -12.61 41.79
CA LEU A 65 -7.64 -12.51 40.66
C LEU A 65 -7.22 -13.88 40.15
N ARG A 66 -6.91 -13.97 38.85
CA ARG A 66 -6.26 -15.14 38.29
C ARG A 66 -4.98 -15.40 39.05
N GLU A 67 -4.58 -16.65 39.16
CA GLU A 67 -3.39 -16.98 39.96
C GLU A 67 -2.23 -17.45 39.09
N ASP A 68 -2.40 -17.31 37.78
CA ASP A 68 -1.42 -17.82 36.82
C ASP A 68 -0.84 -16.74 35.92
N VAL A 69 -0.92 -15.49 36.37
CA VAL A 69 -0.47 -14.37 35.55
C VAL A 69 0.89 -13.85 36.02
N LYS A 70 1.78 -13.67 35.06
CA LYS A 70 3.07 -13.03 35.31
C LYS A 70 3.17 -11.76 34.49
N PHE A 71 3.86 -10.75 35.04
CA PHE A 71 4.25 -9.62 34.22
C PHE A 71 5.27 -10.17 33.23
N SER A 72 5.48 -9.46 32.12
CA SER A 72 6.36 -9.96 31.06
C SER A 72 7.80 -10.18 31.49
N ASN A 73 8.21 -9.55 32.60
CA ASN A 73 9.57 -9.76 33.12
C ASN A 73 9.62 -10.91 34.11
N GLY A 74 8.49 -11.59 34.29
CA GLY A 74 8.46 -12.77 35.14
C GLY A 74 7.96 -12.54 36.56
N GLU A 75 7.76 -11.28 36.93
CA GLU A 75 7.28 -10.96 38.29
C GLU A 75 5.80 -11.31 38.45
N VAL A 76 5.38 -11.54 39.70
N VAL A 76 5.38 -11.59 39.69
CA VAL A 76 4.04 -12.02 40.01
CA VAL A 76 4.04 -12.06 39.97
C VAL A 76 2.98 -10.94 39.88
C VAL A 76 3.00 -10.95 39.84
N PHE A 77 1.85 -11.28 39.25
CA PHE A 77 0.69 -10.41 39.25
C PHE A 77 -0.23 -10.91 40.38
N ASP A 78 -0.48 -10.06 41.36
CA ASP A 78 -1.26 -10.45 42.55
C ASP A 78 -2.04 -9.28 43.13
N ALA A 79 -2.69 -9.49 44.27
CA ALA A 79 -3.52 -8.43 44.87
C ALA A 79 -2.67 -7.22 45.23
N ALA A 80 -1.44 -7.47 45.68
CA ALA A 80 -0.54 -6.41 46.07
C ALA A 80 -0.20 -5.50 44.90
N ALA A 81 -0.01 -6.09 43.72
CA ALA A 81 0.29 -5.29 42.54
C ALA A 81 -0.90 -4.44 42.14
N VAL A 82 -2.10 -5.01 42.23
CA VAL A 82 -3.31 -4.27 41.88
C VAL A 82 -3.52 -3.07 42.81
N LYS A 83 -3.38 -3.29 44.11
CA LYS A 83 -3.54 -2.19 45.05
C LYS A 83 -2.49 -1.11 44.81
N ALA A 84 -1.26 -1.52 44.49
CA ALA A 84 -0.20 -0.55 44.29
C ALA A 84 -0.53 0.36 43.11
N ASN A 85 -1.07 -0.23 42.05
CA ASN A 85 -1.50 0.52 40.88
C ASN A 85 -2.67 1.42 41.17
N ILE A 86 -3.69 0.88 41.82
CA ILE A 86 -4.86 1.67 42.15
C ILE A 86 -4.44 2.86 43.01
N ASP A 87 -3.63 2.61 44.04
CA ASP A 87 -3.20 3.68 44.92
C ASP A 87 -2.47 4.81 44.20
N THR A 88 -1.57 4.50 43.25
CA THR A 88 -0.83 5.60 42.62
C THR A 88 -1.77 6.41 41.72
N VAL A 89 -2.81 5.77 41.20
CA VAL A 89 -3.82 6.48 40.43
C VAL A 89 -4.61 7.42 41.34
N LEU A 90 -5.07 6.89 42.46
CA LEU A 90 -5.82 7.71 43.42
C LEU A 90 -4.99 8.85 44.05
N GLN A 91 -3.68 8.68 44.21
CA GLN A 91 -2.86 9.77 44.75
C GLN A 91 -2.74 10.91 43.73
N ASN A 92 -3.02 10.61 42.46
CA ASN A 92 -2.99 11.59 41.37
C ASN A 92 -4.43 11.85 40.96
N ARG A 93 -5.33 11.85 41.94
CA ARG A 93 -6.75 12.06 41.74
C ARG A 93 -7.16 13.22 40.77
N PRO A 94 -6.51 14.39 40.87
CA PRO A 94 -6.96 15.49 39.98
C PRO A 94 -6.89 15.18 38.48
N ARG A 95 -6.01 14.26 38.09
N ARG A 95 -6.00 14.28 38.09
CA ARG A 95 -5.88 13.91 36.68
CA ARG A 95 -5.87 13.89 36.69
C ARG A 95 -6.97 12.94 36.22
C ARG A 95 -7.01 12.99 36.23
N HIS A 96 -7.58 12.24 37.18
CA HIS A 96 -8.45 11.11 36.86
C HIS A 96 -9.89 11.29 37.31
N ASN A 97 -10.14 12.30 38.12
CA ASN A 97 -11.46 12.54 38.72
C ASN A 97 -12.59 12.81 37.71
N TRP A 98 -12.24 13.22 36.49
CA TRP A 98 -13.24 13.36 35.41
C TRP A 98 -14.00 12.05 35.17
N LEU A 99 -13.33 10.94 35.44
CA LEU A 99 -13.96 9.61 35.31
C LEU A 99 -14.76 9.32 36.57
N GLU A 100 -16.06 9.12 36.42
CA GLU A 100 -16.91 9.06 37.62
C GLU A 100 -16.56 7.84 38.50
N LEU A 101 -16.03 6.77 37.93
CA LEU A 101 -15.53 5.64 38.74
C LEU A 101 -14.46 6.12 39.72
N VAL A 102 -13.52 6.92 39.23
CA VAL A 102 -12.48 7.47 40.09
C VAL A 102 -13.09 8.41 41.10
N ASN A 103 -13.99 9.28 40.63
CA ASN A 103 -14.62 10.27 41.48
C ASN A 103 -15.34 9.64 42.67
N GLN A 104 -15.88 8.44 42.47
CA GLN A 104 -16.62 7.78 43.54
C GLN A 104 -15.76 6.80 44.33
N MET A 105 -14.51 6.60 43.90
CA MET A 105 -13.65 5.62 44.54
C MET A 105 -12.95 6.18 45.78
N VAL A 106 -13.12 5.50 46.90
CA VAL A 106 -12.52 5.87 48.18
C VAL A 106 -11.18 5.21 48.39
N SER A 107 -11.13 3.89 48.19
CA SER A 107 -9.93 3.14 48.51
C SER A 107 -9.92 1.75 47.88
N ALA A 108 -8.74 1.13 47.84
CA ALA A 108 -8.59 -0.28 47.51
C ALA A 108 -7.86 -0.98 48.64
N GLU A 109 -8.25 -2.23 48.91
CA GLU A 109 -7.64 -2.98 50.02
C GLU A 109 -7.32 -4.40 49.59
N VAL A 110 -6.20 -4.91 50.10
CA VAL A 110 -5.83 -6.30 49.90
C VAL A 110 -6.55 -7.14 50.96
N VAL A 111 -7.43 -8.02 50.51
CA VAL A 111 -8.17 -8.84 51.46
C VAL A 111 -7.85 -10.32 51.28
N GLY A 112 -6.87 -10.60 50.43
CA GLY A 112 -6.34 -11.94 50.25
C GLY A 112 -5.14 -11.82 49.34
N PRO A 113 -4.32 -12.88 49.25
CA PRO A 113 -3.18 -12.83 48.32
C PRO A 113 -3.59 -12.53 46.89
N TYR A 114 -4.78 -12.97 46.51
CA TYR A 114 -5.31 -12.73 45.17
C TYR A 114 -6.72 -12.16 45.22
N LYS A 115 -6.97 -11.32 46.23
CA LYS A 115 -8.27 -10.68 46.37
C LYS A 115 -8.10 -9.21 46.73
N VAL A 116 -8.71 -8.35 45.92
CA VAL A 116 -8.67 -6.91 46.13
C VAL A 116 -10.07 -6.36 46.28
N ARG A 117 -10.30 -5.55 47.30
CA ARG A 117 -11.60 -4.92 47.49
C ARG A 117 -11.53 -3.44 47.16
N ILE A 118 -12.49 -3.00 46.36
CA ILE A 118 -12.60 -1.61 45.94
C ILE A 118 -13.81 -0.99 46.62
N ASN A 119 -13.61 0.16 47.26
CA ASN A 119 -14.65 0.82 48.04
C ASN A 119 -15.07 2.13 47.41
N LEU A 120 -16.39 2.35 47.34
CA LEU A 120 -16.97 3.54 46.74
C LEU A 120 -17.77 4.38 47.72
N LYS A 121 -17.89 5.68 47.45
CA LYS A 121 -18.71 6.57 48.28
C LYS A 121 -20.20 6.23 48.19
N LYS A 122 -20.66 5.82 47.00
CA LYS A 122 -22.08 5.49 46.78
C LYS A 122 -22.13 4.41 45.69
N PRO A 123 -23.29 3.74 45.51
CA PRO A 123 -23.32 2.74 44.43
C PRO A 123 -23.04 3.37 43.07
N TYR A 124 -22.38 2.63 42.21
CA TYR A 124 -22.07 3.10 40.86
C TYR A 124 -21.92 1.88 39.95
N TYR A 125 -23.05 1.39 39.43
CA TYR A 125 -23.01 0.18 38.60
C TYR A 125 -22.04 0.25 37.37
N PRO A 126 -21.78 1.46 36.80
CA PRO A 126 -20.83 1.43 35.66
C PRO A 126 -19.37 1.14 36.03
N LEU A 127 -19.12 0.84 37.29
CA LEU A 127 -17.76 0.49 37.73
C LEU A 127 -17.10 -0.57 36.85
N LEU A 128 -17.83 -1.64 36.54
CA LEU A 128 -17.27 -2.72 35.72
C LEU A 128 -16.92 -2.25 34.30
N GLN A 129 -17.83 -1.53 33.66
CA GLN A 129 -17.54 -0.98 32.33
C GLN A 129 -16.33 -0.06 32.34
N GLU A 130 -16.21 0.78 33.37
CA GLU A 130 -15.13 1.75 33.37
C GLU A 130 -13.81 1.12 33.79
N LEU A 131 -13.89 -0.02 34.48
CA LEU A 131 -12.67 -0.80 34.76
C LEU A 131 -12.10 -1.44 33.51
N SER A 132 -12.92 -1.54 32.46
CA SER A 132 -12.49 -2.21 31.24
C SER A 132 -11.73 -1.26 30.32
N LEU A 133 -11.71 0.03 30.70
CA LEU A 133 -11.05 1.06 29.89
C LEU A 133 -9.57 0.82 29.68
N PRO A 134 -9.00 1.40 28.60
CA PRO A 134 -7.55 1.29 28.41
C PRO A 134 -6.77 1.95 29.53
N ARG A 135 -7.34 2.97 30.15
CA ARG A 135 -6.68 3.70 31.23
C ARG A 135 -7.74 4.37 32.09
N PRO A 136 -7.45 4.62 33.39
CA PRO A 136 -6.18 4.40 34.09
C PRO A 136 -6.07 3.09 34.88
N PHE A 137 -7.09 2.25 34.88
CA PHE A 137 -7.00 1.07 35.75
C PHE A 137 -6.46 -0.20 35.10
N ARG A 138 -5.28 -0.11 34.49
CA ARG A 138 -4.57 -1.31 34.05
C ARG A 138 -3.21 -1.33 34.74
N PHE A 139 -2.50 -2.45 34.65
CA PHE A 139 -1.48 -2.73 35.67
C PHE A 139 -0.06 -2.90 35.18
N ILE A 140 0.83 -2.06 35.73
CA ILE A 140 2.26 -2.15 35.49
C ILE A 140 2.90 -2.84 36.66
N ALA A 141 4.00 -3.53 36.42
CA ALA A 141 4.79 -4.09 37.51
C ALA A 141 5.19 -2.98 38.48
N PRO A 142 4.85 -3.12 39.77
CA PRO A 142 5.21 -2.06 40.72
C PRO A 142 6.71 -1.79 40.83
N SER A 143 7.53 -2.78 40.50
CA SER A 143 8.98 -2.59 40.43
C SER A 143 9.36 -1.46 39.46
N GLN A 144 8.43 -1.10 38.57
CA GLN A 144 8.73 -0.09 37.55
C GLN A 144 8.31 1.32 38.01
N PHE A 145 7.81 1.43 39.23
CA PHE A 145 7.50 2.75 39.81
C PHE A 145 8.75 3.62 39.92
N LYS A 146 8.59 4.93 39.85
CA LYS A 146 9.70 5.83 40.18
C LYS A 146 9.24 6.74 41.30
N ASN A 147 10.07 6.81 42.35
CA ASN A 147 9.78 7.59 43.55
C ASN A 147 8.39 7.28 44.13
N GLY A 148 8.05 6.00 44.20
CA GLY A 148 6.81 5.56 44.81
C GLY A 148 5.54 5.67 43.97
N GLY A 149 5.67 5.99 42.69
CA GLY A 149 4.49 6.04 41.85
C GLY A 149 4.77 6.02 40.36
N THR A 150 3.76 6.37 39.57
CA THR A 150 3.89 6.39 38.12
C THR A 150 3.66 7.78 37.56
N ALA A 151 3.16 8.68 38.41
CA ALA A 151 2.69 9.98 37.93
C ALA A 151 3.79 10.82 37.33
N ASP A 152 5.04 10.57 37.74
CA ASP A 152 6.16 11.35 37.27
C ASP A 152 7.12 10.54 36.41
N GLY A 153 6.65 9.42 35.86
CA GLY A 153 7.47 8.57 35.01
C GLY A 153 7.55 7.14 35.50
N ILE A 154 7.91 6.22 34.59
CA ILE A 154 8.09 4.81 34.92
C ILE A 154 9.46 4.34 34.42
N VAL A 155 9.97 3.25 34.97
CA VAL A 155 11.27 2.73 34.54
C VAL A 155 11.16 2.10 33.14
N ALA A 156 10.32 1.07 33.03
CA ALA A 156 10.01 0.44 31.75
C ALA A 156 8.55 0.03 31.74
N PRO A 157 7.92 -0.01 30.54
CA PRO A 157 6.50 -0.34 30.43
C PRO A 157 6.21 -1.83 30.54
N ILE A 158 6.29 -2.37 31.76
CA ILE A 158 6.14 -3.80 31.98
C ILE A 158 4.71 -4.16 32.37
N GLY A 159 3.97 -4.77 31.42
CA GLY A 159 2.60 -5.16 31.68
C GLY A 159 2.44 -6.67 31.65
N THR A 160 1.19 -7.13 31.72
CA THR A 160 0.85 -8.56 31.66
C THR A 160 0.36 -8.97 30.26
N GLY A 161 0.22 -8.01 29.37
CA GLY A 161 -0.38 -8.24 28.05
C GLY A 161 0.37 -9.15 27.08
N PRO A 162 -0.27 -9.45 25.94
CA PRO A 162 0.26 -10.40 24.96
C PRO A 162 1.41 -9.80 24.13
N TRP A 163 1.63 -8.49 24.28
CA TRP A 163 2.69 -7.77 23.56
C TRP A 163 3.61 -7.03 24.52
N LYS A 164 4.89 -6.98 24.17
CA LYS A 164 5.89 -6.22 24.92
C LYS A 164 6.50 -5.14 24.05
N LEU A 165 6.63 -3.93 24.56
CA LEU A 165 7.30 -2.90 23.77
C LEU A 165 8.82 -3.08 23.85
N THR A 166 9.47 -3.36 22.72
CA THR A 166 10.89 -3.73 22.77
C THR A 166 11.80 -2.72 22.06
N GLU A 167 11.24 -1.84 21.25
CA GLU A 167 12.05 -0.80 20.62
C GLU A 167 11.21 0.44 20.31
N THR A 168 11.76 1.61 20.60
CA THR A 168 11.15 2.88 20.18
C THR A 168 12.14 3.72 19.40
N LYS A 169 11.78 4.08 18.18
CA LYS A 169 12.56 5.04 17.39
C LYS A 169 11.66 6.22 17.04
N LEU A 170 11.87 7.33 17.74
CA LEU A 170 11.04 8.52 17.57
C LEU A 170 10.99 8.98 16.12
N GLY A 171 9.79 9.19 15.58
CA GLY A 171 9.67 9.64 14.22
C GLY A 171 9.78 8.52 13.20
N GLU A 172 9.96 7.29 13.68
CA GLU A 172 10.11 6.15 12.80
C GLU A 172 9.15 5.02 13.09
N HIS A 173 9.31 4.42 14.27
CA HIS A 173 8.47 3.29 14.64
C HIS A 173 8.49 2.94 16.13
N ASP A 174 7.57 2.06 16.49
CA ASP A 174 7.61 1.35 17.77
C ASP A 174 7.42 -0.12 17.44
N VAL A 175 8.27 -0.97 17.98
CA VAL A 175 8.21 -2.40 17.73
C VAL A 175 7.71 -3.13 18.98
N PHE A 176 6.71 -3.96 18.79
CA PHE A 176 6.15 -4.79 19.86
C PHE A 176 6.46 -6.25 19.57
N THR A 177 6.94 -6.95 20.60
CA THR A 177 7.28 -8.36 20.47
C THR A 177 6.26 -9.19 21.22
N ARG A 178 5.86 -10.33 20.64
CA ARG A 178 4.95 -11.26 21.28
C ARG A 178 5.47 -11.68 22.65
N ASN A 179 4.61 -11.65 23.66
CA ASN A 179 4.95 -12.12 24.99
C ASN A 179 4.74 -13.62 25.05
N ASP A 180 5.83 -14.38 24.98
CA ASP A 180 5.73 -15.83 24.89
C ASP A 180 5.41 -16.46 26.25
N SER A 181 5.35 -15.63 27.28
N SER A 181 5.33 -15.66 27.30
CA SER A 181 4.93 -16.05 28.62
CA SER A 181 4.85 -16.16 28.59
C SER A 181 3.52 -15.54 28.96
C SER A 181 3.54 -15.49 28.97
N TYR A 182 2.78 -15.07 27.95
CA TYR A 182 1.44 -14.54 28.17
C TYR A 182 0.52 -15.61 28.74
N TRP A 183 -0.36 -15.22 29.67
CA TRP A 183 -1.24 -16.19 30.31
C TRP A 183 -2.34 -16.73 29.41
N GLY A 184 -2.75 -15.94 28.42
CA GLY A 184 -3.81 -16.35 27.53
C GLY A 184 -3.33 -16.98 26.21
N PRO A 185 -4.22 -17.04 25.22
CA PRO A 185 -3.89 -17.58 23.89
C PRO A 185 -2.73 -16.80 23.28
N LYS A 186 -1.80 -17.45 22.58
CA LYS A 186 -0.65 -16.73 22.01
C LYS A 186 -0.96 -16.15 20.63
N PRO A 187 -0.49 -14.92 20.39
CA PRO A 187 -0.64 -14.28 19.07
C PRO A 187 -0.03 -15.09 17.96
N ALA A 188 -0.68 -15.07 16.79
CA ALA A 188 -0.09 -15.70 15.61
C ALA A 188 1.10 -14.90 15.11
N TYR A 189 1.00 -13.57 15.17
CA TYR A 189 2.13 -12.73 14.79
C TYR A 189 3.17 -12.67 15.89
N GLU A 190 4.45 -12.73 15.52
CA GLU A 190 5.52 -12.63 16.50
C GLU A 190 5.90 -11.18 16.78
N GLN A 191 5.58 -10.30 15.85
CA GLN A 191 6.01 -8.92 15.96
C GLN A 191 5.04 -7.97 15.29
N ILE A 192 4.73 -6.87 15.97
CA ILE A 192 3.93 -5.81 15.38
C ILE A 192 4.80 -4.57 15.33
N THR A 193 5.03 -4.05 14.13
CA THR A 193 5.78 -2.82 14.01
C THR A 193 4.82 -1.69 13.71
N VAL A 194 4.77 -0.70 14.58
CA VAL A 194 3.94 0.47 14.34
C VAL A 194 4.79 1.51 13.64
N LYS A 195 4.50 1.76 12.36
CA LYS A 195 5.26 2.75 11.60
C LYS A 195 4.60 4.12 11.68
N VAL A 196 5.40 5.12 12.00
CA VAL A 196 4.88 6.47 12.18
C VAL A 196 4.73 7.15 10.82
N ILE A 197 3.49 7.34 10.38
CA ILE A 197 3.20 7.93 9.08
C ILE A 197 2.06 8.92 9.24
N PRO A 198 2.42 10.15 9.67
CA PRO A 198 1.41 11.19 9.93
C PRO A 198 0.75 11.74 8.68
N ASP A 199 1.40 11.62 7.53
CA ASP A 199 0.84 12.18 6.30
C ASP A 199 0.01 11.14 5.57
N PRO A 200 -1.29 11.41 5.42
CA PRO A 200 -2.25 10.48 4.81
C PRO A 200 -1.84 10.04 3.42
N ASN A 201 -1.30 10.96 2.64
CA ASN A 201 -0.88 10.62 1.28
C ASN A 201 0.35 9.70 1.29
N THR A 202 1.27 9.92 2.22
CA THR A 202 2.42 9.02 2.38
C THR A 202 1.95 7.63 2.84
N ARG A 203 0.94 7.60 3.70
N ARG A 203 0.95 7.59 3.70
CA ARG A 203 0.38 6.35 4.18
CA ARG A 203 0.39 6.33 4.18
C ARG A 203 -0.22 5.53 3.06
C ARG A 203 -0.20 5.52 3.03
N ALA A 204 -0.94 6.20 2.16
CA ALA A 204 -1.52 5.54 0.98
C ALA A 204 -0.45 4.89 0.10
N ILE A 205 0.60 5.65 -0.21
CA ILE A 205 1.70 5.18 -1.04
C ILE A 205 2.42 4.01 -0.40
N ALA A 206 2.71 4.15 0.89
CA ALA A 206 3.35 3.08 1.67
C ALA A 206 2.52 1.81 1.63
N PHE A 207 1.20 1.97 1.72
CA PHE A 207 0.31 0.81 1.64
C PHE A 207 0.40 0.24 0.22
N GLU A 208 0.46 1.11 -0.80
CA GLU A 208 0.65 0.64 -2.18
C GLU A 208 1.93 -0.18 -2.33
N ALA A 209 3.03 0.37 -1.81
CA ALA A 209 4.35 -0.23 -1.96
C ALA A 209 4.55 -1.46 -1.10
N GLY A 210 3.53 -1.80 -0.31
CA GLY A 210 3.61 -2.96 0.56
C GLY A 210 4.49 -2.79 1.78
N GLU A 211 4.68 -1.54 2.20
CA GLU A 211 5.48 -1.21 3.38
C GLU A 211 4.64 -1.28 4.67
N ILE A 212 3.33 -1.24 4.52
CA ILE A 212 2.45 -1.49 5.66
C ILE A 212 1.36 -2.46 5.23
N ASP A 213 0.94 -3.29 6.18
CA ASP A 213 0.05 -4.40 5.90
C ASP A 213 -1.38 -4.13 6.33
N LEU A 214 -1.54 -3.22 7.28
CA LEU A 214 -2.84 -2.96 7.90
C LEU A 214 -2.96 -1.49 8.26
N ILE A 215 -4.12 -0.91 7.95
CA ILE A 215 -4.51 0.41 8.41
C ILE A 215 -5.81 0.21 9.20
N TYR A 216 -5.92 0.80 10.38
CA TYR A 216 -7.09 0.57 11.25
C TYR A 216 -7.40 1.83 12.03
N GLY A 217 -8.67 2.25 12.03
CA GLY A 217 -9.04 3.42 12.82
C GLY A 217 -10.47 3.89 12.57
N THR A 218 -10.90 4.87 13.36
CA THR A 218 -12.21 5.52 13.17
C THR A 218 -12.08 6.84 12.43
N GLU A 219 -13.04 7.74 12.63
CA GLU A 219 -13.07 9.04 11.94
C GLU A 219 -11.71 9.76 11.99
N GLY A 220 -10.98 9.53 13.08
CA GLY A 220 -9.70 10.17 13.33
C GLY A 220 -8.63 9.91 12.30
N PRO A 221 -7.98 8.73 12.37
CA PRO A 221 -6.85 8.46 11.48
C PRO A 221 -7.26 8.23 10.03
N ILE A 222 -8.51 7.82 9.79
CA ILE A 222 -8.92 7.47 8.43
C ILE A 222 -10.12 8.25 7.94
N SER A 223 -9.91 8.97 6.83
CA SER A 223 -10.96 9.70 6.16
C SER A 223 -11.82 8.75 5.34
N PRO A 224 -13.09 9.09 5.15
CA PRO A 224 -13.93 8.34 4.21
C PRO A 224 -13.30 8.24 2.83
N ASP A 225 -12.69 9.34 2.37
CA ASP A 225 -11.98 9.37 1.09
C ASP A 225 -10.97 8.25 0.96
N THR A 226 -10.17 8.09 2.01
CA THR A 226 -9.09 7.10 2.05
C THR A 226 -9.66 5.70 1.90
N PHE A 227 -10.71 5.42 2.67
CA PHE A 227 -11.33 4.10 2.64
C PHE A 227 -11.93 3.84 1.27
N GLU A 228 -12.59 4.86 0.71
CA GLU A 228 -13.22 4.72 -0.59
C GLU A 228 -12.18 4.39 -1.65
N ARG A 229 -11.10 5.15 -1.63
CA ARG A 229 -10.00 4.98 -2.56
C ARG A 229 -9.47 3.54 -2.54
N PHE A 230 -9.31 2.96 -1.36
CA PHE A 230 -8.83 1.58 -1.29
C PHE A 230 -9.90 0.54 -1.61
N GLN A 231 -11.15 0.77 -1.19
CA GLN A 231 -12.16 -0.25 -1.38
C GLN A 231 -12.52 -0.38 -2.86
N LYS A 232 -12.31 0.70 -3.62
CA LYS A 232 -12.68 0.67 -5.04
C LYS A 232 -11.63 -0.05 -5.90
N MET A 233 -10.40 -0.19 -5.39
CA MET A 233 -9.36 -0.88 -6.14
C MET A 233 -9.69 -2.38 -6.19
N GLY A 234 -10.37 -2.86 -5.16
CA GLY A 234 -10.87 -4.22 -5.14
C GLY A 234 -9.85 -5.33 -4.98
N ILE A 235 -8.63 -4.99 -4.56
CA ILE A 235 -7.58 -5.99 -4.40
C ILE A 235 -7.15 -6.15 -2.92
N TYR A 236 -7.70 -5.32 -2.05
CA TYR A 236 -7.39 -5.40 -0.62
C TYR A 236 -8.59 -5.87 0.16
N ASN A 237 -8.37 -6.27 1.40
CA ASN A 237 -9.48 -6.57 2.27
C ASN A 237 -9.88 -5.29 3.00
N THR A 238 -11.13 -4.88 2.85
CA THR A 238 -11.65 -3.69 3.51
C THR A 238 -12.91 -4.08 4.26
N GLU A 239 -12.94 -3.74 5.56
CA GLU A 239 -14.07 -4.09 6.42
C GLU A 239 -14.39 -2.99 7.42
N LEU A 240 -15.58 -3.09 8.02
CA LEU A 240 -16.07 -2.14 9.01
C LEU A 240 -16.51 -2.91 10.26
N SER A 241 -16.33 -2.30 11.42
CA SER A 241 -16.73 -2.94 12.67
C SER A 241 -18.24 -2.84 12.88
N GLU A 242 -18.68 -3.38 14.01
CA GLU A 242 -20.02 -3.14 14.52
C GLU A 242 -20.09 -1.72 15.06
N PRO A 243 -21.30 -1.17 15.27
CA PRO A 243 -21.39 0.22 15.72
C PRO A 243 -20.58 0.52 16.98
N LEU A 244 -19.94 1.68 17.01
CA LEU A 244 -19.18 2.10 18.20
C LEU A 244 -19.79 3.27 18.99
N GLU A 245 -20.19 4.33 18.30
CA GLU A 245 -20.92 5.45 18.89
C GLU A 245 -21.87 5.99 17.86
N THR A 246 -22.86 6.77 18.29
CA THR A 246 -23.89 7.28 17.39
C THR A 246 -23.73 8.76 17.15
N ARG A 247 -23.80 9.19 15.89
CA ARG A 247 -23.92 10.61 15.58
C ARG A 247 -25.39 10.95 15.44
N VAL A 248 -25.83 12.02 16.10
CA VAL A 248 -27.21 12.44 16.04
C VAL A 248 -27.37 13.93 15.78
N LEU A 249 -28.58 14.33 15.39
CA LEU A 249 -29.04 15.69 15.59
C LEU A 249 -29.95 15.67 16.82
N ALA A 250 -29.67 16.51 17.81
CA ALA A 250 -30.63 16.74 18.89
C ALA A 250 -31.64 17.75 18.40
N LEU A 251 -32.92 17.44 18.54
CA LEU A 251 -33.98 18.35 18.08
C LEU A 251 -34.58 19.07 19.28
N ASN A 252 -34.74 20.38 19.20
CA ASN A 252 -35.03 21.16 20.42
C ASN A 252 -36.52 21.20 20.72
N THR A 253 -36.94 20.42 21.72
CA THR A 253 -38.34 20.36 22.12
C THR A 253 -38.80 21.66 22.81
N ASN A 254 -37.87 22.57 23.07
CA ASN A 254 -38.16 23.76 23.86
C ASN A 254 -38.00 25.05 23.07
N HIS A 255 -37.82 24.93 21.75
CA HIS A 255 -37.48 26.09 20.94
C HIS A 255 -37.92 25.91 19.51
N GLY A 256 -38.55 26.92 18.93
CA GLY A 256 -38.88 26.90 17.52
C GLY A 256 -39.93 25.87 17.11
N ALA A 257 -39.93 25.53 15.82
CA ALA A 257 -40.91 24.60 15.28
C ALA A 257 -40.70 23.17 15.81
N THR A 258 -39.49 22.89 16.30
CA THR A 258 -39.19 21.56 16.82
C THR A 258 -39.83 21.31 18.19
N LYS A 259 -40.49 22.34 18.75
CA LYS A 259 -41.35 22.14 19.91
C LYS A 259 -42.46 21.14 19.60
N ASP A 260 -42.81 21.03 18.32
CA ASP A 260 -43.95 20.23 17.90
C ASP A 260 -43.56 18.79 17.61
N LEU A 261 -44.17 17.83 18.32
CA LEU A 261 -43.85 16.41 18.08
C LEU A 261 -44.00 15.97 16.62
N ALA A 262 -45.04 16.46 15.94
CA ALA A 262 -45.24 16.11 14.53
C ALA A 262 -44.06 16.55 13.65
N VAL A 263 -43.53 17.74 13.91
CA VAL A 263 -42.36 18.22 13.19
C VAL A 263 -41.14 17.34 13.44
N ARG A 264 -40.92 16.95 14.70
CA ARG A 264 -39.78 16.08 15.00
C ARG A 264 -39.91 14.72 14.34
N LYS A 265 -41.12 14.16 14.35
CA LYS A 265 -41.35 12.88 13.67
C LYS A 265 -41.12 13.02 12.16
N ALA A 266 -41.66 14.10 11.59
CA ALA A 266 -41.48 14.37 10.14
C ALA A 266 -40.01 14.43 9.77
N ILE A 267 -39.22 15.15 10.58
CA ILE A 267 -37.78 15.22 10.34
C ILE A 267 -37.17 13.81 10.33
N ASN A 268 -37.58 12.99 11.28
CA ASN A 268 -37.09 11.61 11.35
C ASN A 268 -37.45 10.78 10.12
N HIS A 269 -38.60 11.07 9.52
CA HIS A 269 -39.04 10.32 8.35
C HIS A 269 -38.49 10.88 7.02
N ALA A 270 -37.95 12.11 7.03
CA ALA A 270 -37.65 12.77 5.75
C ALA A 270 -36.18 12.83 5.35
N VAL A 271 -35.28 12.43 6.22
CA VAL A 271 -33.86 12.41 5.86
C VAL A 271 -33.44 11.02 5.36
N ASP A 272 -32.91 10.98 4.14
CA ASP A 272 -32.46 9.73 3.56
C ASP A 272 -31.06 9.41 4.05
N LYS A 273 -30.99 8.72 5.18
CA LYS A 273 -29.71 8.41 5.81
C LYS A 273 -28.86 7.50 4.94
N ASP A 274 -29.48 6.56 4.22
CA ASP A 274 -28.71 5.66 3.38
C ASP A 274 -27.96 6.42 2.29
N THR A 275 -28.61 7.41 1.70
CA THR A 275 -27.97 8.24 0.67
C THR A 275 -26.92 9.16 1.27
N MET A 276 -27.19 9.68 2.46
CA MET A 276 -26.19 10.49 3.15
C MET A 276 -24.92 9.67 3.38
N ILE A 277 -25.10 8.45 3.87
CA ILE A 277 -23.95 7.57 4.13
C ILE A 277 -23.22 7.23 2.84
N ALA A 278 -23.98 6.93 1.80
CA ALA A 278 -23.37 6.56 0.52
C ALA A 278 -22.55 7.70 -0.11
N THR A 279 -22.99 8.94 0.08
CA THR A 279 -22.38 10.06 -0.66
C THR A 279 -21.32 10.76 0.18
N VAL A 280 -21.69 11.19 1.37
CA VAL A 280 -20.80 11.93 2.26
C VAL A 280 -19.76 11.05 2.96
N LEU A 281 -20.17 9.84 3.32
CA LEU A 281 -19.32 8.98 4.13
C LEU A 281 -18.74 7.79 3.38
N TYR A 282 -19.06 7.67 2.09
CA TYR A 282 -18.60 6.56 1.26
C TYR A 282 -18.82 5.20 1.90
N GLY A 283 -19.96 5.04 2.57
CA GLY A 283 -20.30 3.76 3.17
C GLY A 283 -19.44 3.36 4.35
N THR A 284 -18.70 4.30 4.93
CA THR A 284 -17.82 3.97 6.07
C THR A 284 -18.53 3.97 7.42
N GLN A 285 -19.82 4.30 7.46
CA GLN A 285 -20.56 4.25 8.73
C GLN A 285 -21.90 3.58 8.46
N LYS A 286 -22.60 3.16 9.51
CA LYS A 286 -23.86 2.46 9.33
C LYS A 286 -25.05 3.30 9.73
N ARG A 287 -26.19 3.07 9.08
CA ARG A 287 -27.40 3.81 9.42
C ARG A 287 -27.77 3.54 10.88
N ALA A 288 -28.04 4.61 11.62
CA ALA A 288 -28.55 4.48 12.98
C ALA A 288 -30.04 4.87 13.01
N ASP A 289 -30.88 4.00 13.54
CA ASP A 289 -32.30 4.29 13.63
C ASP A 289 -32.75 4.60 15.05
N THR A 290 -31.84 4.42 16.01
CA THR A 290 -32.10 4.68 17.42
C THR A 290 -30.91 5.42 18.03
N LEU A 291 -31.11 6.09 19.16
CA LEU A 291 -30.03 6.80 19.81
C LEU A 291 -28.84 5.87 20.12
N PHE A 292 -29.14 4.69 20.66
CA PHE A 292 -28.12 3.68 20.94
C PHE A 292 -28.37 2.43 20.11
N ALA A 293 -27.28 1.83 19.61
CA ALA A 293 -27.39 0.59 18.85
C ALA A 293 -27.65 -0.58 19.77
N ASP A 294 -27.99 -1.74 19.22
CA ASP A 294 -28.41 -2.81 20.10
C ASP A 294 -27.25 -3.56 20.75
N ASN A 295 -26.01 -3.14 20.48
CA ASN A 295 -24.87 -3.68 21.19
C ASN A 295 -24.43 -2.81 22.38
N VAL A 296 -25.27 -1.82 22.72
CA VAL A 296 -25.07 -0.96 23.87
C VAL A 296 -25.80 -1.56 25.07
N PRO A 297 -25.13 -1.64 26.24
CA PRO A 297 -25.79 -2.19 27.44
C PRO A 297 -27.16 -1.56 27.70
N TYR A 298 -28.16 -2.41 27.95
CA TYR A 298 -29.53 -1.99 28.31
C TYR A 298 -30.32 -1.36 27.15
N ALA A 299 -29.74 -1.34 25.94
CA ALA A 299 -30.37 -0.64 24.83
C ALA A 299 -30.96 -1.57 23.78
N ASN A 300 -30.88 -2.87 24.01
CA ASN A 300 -31.43 -3.82 23.05
C ASN A 300 -32.92 -4.03 23.39
N ILE A 301 -33.75 -3.03 23.10
CA ILE A 301 -35.14 -3.05 23.56
C ILE A 301 -36.17 -3.06 22.43
N GLY A 302 -35.69 -3.23 21.20
CA GLY A 302 -36.57 -3.44 20.07
C GLY A 302 -37.36 -2.24 19.59
N LEU A 303 -36.79 -1.05 19.73
CA LEU A 303 -37.43 0.17 19.24
C LEU A 303 -37.70 0.05 17.74
N LYS A 304 -38.83 0.58 17.27
CA LYS A 304 -39.17 0.52 15.85
C LYS A 304 -38.59 1.72 15.11
N PRO A 305 -37.81 1.48 14.04
CA PRO A 305 -37.20 2.58 13.30
C PRO A 305 -38.24 3.55 12.70
N TYR A 306 -37.91 4.83 12.60
CA TYR A 306 -38.72 5.72 11.77
C TYR A 306 -38.25 5.47 10.35
N ALA A 307 -39.07 4.86 9.52
CA ALA A 307 -38.63 4.53 8.15
C ALA A 307 -38.49 5.79 7.30
N PHE A 308 -37.59 5.75 6.31
CA PHE A 308 -37.52 6.85 5.35
C PHE A 308 -38.79 6.84 4.52
N ASP A 309 -39.57 7.92 4.65
CA ASP A 309 -40.92 7.99 4.10
C ASP A 309 -41.30 9.45 4.01
N PRO A 310 -40.83 10.14 2.96
CA PRO A 310 -41.09 11.58 2.87
C PRO A 310 -42.57 11.93 2.69
N ALA A 311 -43.37 11.06 2.08
CA ALA A 311 -44.80 11.33 1.97
C ALA A 311 -45.46 11.39 3.34
N LEU A 312 -45.09 10.44 4.19
CA LEU A 312 -45.57 10.41 5.57
C LEU A 312 -45.14 11.66 6.32
N ALA A 313 -43.90 12.10 6.09
CA ALA A 313 -43.40 13.31 6.73
C ALA A 313 -44.27 14.50 6.36
N ALA A 314 -44.62 14.60 5.08
CA ALA A 314 -45.48 15.68 4.62
C ALA A 314 -46.85 15.60 5.26
N ARG A 315 -47.38 14.39 5.41
CA ARG A 315 -48.68 14.21 6.05
C ARG A 315 -48.64 14.54 7.53
N LEU A 316 -47.53 14.26 8.20
CA LEU A 316 -47.42 14.62 9.61
C LEU A 316 -47.40 16.14 9.76
N LEU A 317 -46.71 16.82 8.85
CA LEU A 317 -46.60 18.27 8.92
C LEU A 317 -47.91 18.98 8.63
N ASP A 318 -48.51 18.64 7.48
CA ASP A 318 -49.74 19.27 7.02
C ASP A 318 -50.80 19.07 8.10
N GLU A 319 -50.82 17.87 8.67
CA GLU A 319 -51.74 17.44 9.72
C GLU A 319 -51.29 17.93 11.12
N ALA A 320 -50.47 18.97 11.14
CA ALA A 320 -50.11 19.63 12.39
C ALA A 320 -50.22 21.12 12.17
N GLY A 321 -50.82 21.47 11.03
CA GLY A 321 -51.09 22.86 10.72
C GLY A 321 -49.98 23.47 9.90
N TRP A 322 -48.93 22.71 9.64
CA TRP A 322 -47.84 23.18 8.79
C TRP A 322 -48.14 22.80 7.35
N THR A 323 -48.77 23.70 6.63
CA THR A 323 -49.31 23.36 5.32
C THR A 323 -48.58 24.10 4.21
N ALA A 324 -48.58 23.50 3.03
CA ALA A 324 -47.99 24.15 1.88
C ALA A 324 -49.10 24.67 0.97
N LYS A 325 -48.95 25.92 0.52
CA LYS A 325 -49.86 26.49 -0.46
C LYS A 325 -49.92 25.62 -1.69
N ALA A 326 -48.75 25.32 -2.23
CA ALA A 326 -48.61 24.50 -3.42
C ALA A 326 -47.54 23.44 -3.22
N SER A 327 -47.25 22.70 -4.28
CA SER A 327 -46.41 21.51 -4.23
C SER A 327 -45.03 21.73 -3.62
N GLY A 328 -44.29 22.72 -4.10
CA GLY A 328 -42.91 22.89 -3.68
C GLY A 328 -42.69 23.96 -2.64
N ASP A 329 -43.76 24.44 -2.01
CA ASP A 329 -43.64 25.59 -1.11
C ASP A 329 -43.06 25.25 0.25
N ILE A 330 -42.41 26.24 0.85
CA ILE A 330 -42.10 26.21 2.28
C ILE A 330 -43.42 26.25 3.04
N ARG A 331 -43.61 25.34 3.98
CA ARG A 331 -44.85 25.28 4.74
C ARG A 331 -45.00 26.44 5.72
N GLU A 332 -46.24 26.66 6.15
CA GLU A 332 -46.59 27.74 7.07
C GLU A 332 -47.65 27.29 8.05
N LYS A 333 -47.65 27.91 9.22
CA LYS A 333 -48.64 27.64 10.26
C LYS A 333 -48.96 28.89 11.06
N ASP A 334 -50.15 29.44 10.82
CA ASP A 334 -50.59 30.68 11.46
C ASP A 334 -49.66 31.84 11.14
N GLY A 335 -49.44 32.07 9.86
CA GLY A 335 -48.60 33.18 9.42
C GLY A 335 -47.12 32.88 9.33
N GLN A 336 -46.66 31.86 10.05
CA GLN A 336 -45.23 31.62 10.19
C GLN A 336 -44.70 30.47 9.34
N PRO A 337 -43.59 30.70 8.65
CA PRO A 337 -42.91 29.68 7.84
C PRO A 337 -42.26 28.57 8.69
N LEU A 338 -42.13 27.40 8.09
CA LEU A 338 -41.50 26.28 8.76
C LEU A 338 -40.00 26.38 8.55
N ALA A 339 -39.39 27.32 9.26
CA ALA A 339 -37.95 27.53 9.18
C ALA A 339 -37.31 27.07 10.48
N ILE A 340 -36.25 26.28 10.36
CA ILE A 340 -35.52 25.80 11.53
C ILE A 340 -34.04 25.97 11.30
N GLU A 341 -33.33 26.30 12.37
CA GLU A 341 -31.90 26.54 12.30
C GLU A 341 -31.12 25.33 12.75
N LEU A 342 -30.16 24.94 11.94
CA LEU A 342 -29.27 23.82 12.22
C LEU A 342 -27.89 24.40 12.44
N CYS A 343 -27.40 24.26 13.67
CA CYS A 343 -26.14 24.87 14.08
C CYS A 343 -25.04 23.82 14.16
N PHE A 344 -23.89 24.14 13.58
CA PHE A 344 -22.77 23.22 13.53
C PHE A 344 -21.46 23.98 13.48
N ILE A 345 -20.38 23.30 13.85
CA ILE A 345 -19.02 23.84 13.77
C ILE A 345 -18.55 23.97 12.32
N GLY A 346 -18.38 25.22 11.87
CA GLY A 346 -18.22 25.53 10.47
C GLY A 346 -16.95 25.06 9.79
N THR A 347 -15.98 24.59 10.58
CA THR A 347 -14.73 24.07 10.03
C THR A 347 -14.72 22.55 10.04
N ASP A 348 -15.81 21.96 10.50
CA ASP A 348 -15.96 20.51 10.50
C ASP A 348 -16.60 20.07 9.18
N ALA A 349 -15.78 19.56 8.27
CA ALA A 349 -16.23 19.26 6.91
C ALA A 349 -17.32 18.20 6.80
N ILE A 350 -17.20 17.12 7.58
CA ILE A 350 -18.17 16.03 7.53
C ILE A 350 -19.53 16.50 8.06
N SER A 351 -19.53 17.10 9.26
CA SER A 351 -20.75 17.64 9.85
C SER A 351 -21.41 18.62 8.89
N LYS A 352 -20.57 19.46 8.26
CA LYS A 352 -21.06 20.44 7.33
C LYS A 352 -21.73 19.78 6.13
N SER A 353 -21.11 18.74 5.59
CA SER A 353 -21.68 18.05 4.44
C SER A 353 -22.96 17.33 4.82
N MET A 354 -22.99 16.77 6.03
CA MET A 354 -24.21 16.14 6.53
C MET A 354 -25.32 17.16 6.73
N ALA A 355 -24.98 18.35 7.22
CA ALA A 355 -25.98 19.40 7.45
C ALA A 355 -26.59 19.87 6.15
N GLU A 356 -25.77 19.93 5.11
CA GLU A 356 -26.22 20.30 3.77
C GLU A 356 -27.15 19.22 3.20
N ILE A 357 -26.86 17.96 3.50
CA ILE A 357 -27.76 16.87 3.08
C ILE A 357 -29.10 16.99 3.81
N VAL A 358 -29.03 17.23 5.12
CA VAL A 358 -30.26 17.45 5.89
C VAL A 358 -31.08 18.59 5.34
N GLN A 359 -30.42 19.71 5.02
CA GLN A 359 -31.10 20.85 4.43
C GLN A 359 -31.85 20.50 3.15
N ALA A 360 -31.17 19.79 2.25
CA ALA A 360 -31.78 19.43 0.97
C ALA A 360 -32.96 18.47 1.16
N ASP A 361 -32.77 17.44 1.99
CA ASP A 361 -33.81 16.44 2.18
C ASP A 361 -35.05 17.05 2.83
N LEU A 362 -34.84 17.89 3.82
CA LEU A 362 -35.98 18.51 4.50
C LEU A 362 -36.66 19.55 3.63
N ARG A 363 -35.93 20.20 2.73
CA ARG A 363 -36.58 21.13 1.81
C ARG A 363 -37.60 20.42 0.92
N LYS A 364 -37.38 19.14 0.64
CA LYS A 364 -38.28 18.38 -0.22
C LYS A 364 -39.68 18.27 0.38
N VAL A 365 -39.76 18.36 1.71
CA VAL A 365 -41.08 18.27 2.36
C VAL A 365 -41.49 19.62 2.97
N GLY A 366 -40.88 20.69 2.51
CA GLY A 366 -41.39 22.02 2.84
C GLY A 366 -40.77 22.68 4.05
N ILE A 367 -39.66 22.12 4.53
CA ILE A 367 -38.94 22.70 5.67
C ILE A 367 -37.74 23.54 5.20
N ASP A 368 -37.63 24.77 5.70
CA ASP A 368 -36.52 25.64 5.34
C ASP A 368 -35.45 25.59 6.42
N VAL A 369 -34.45 24.74 6.21
CA VAL A 369 -33.34 24.67 7.16
C VAL A 369 -32.36 25.81 6.89
N LYS A 370 -32.09 26.58 7.94
CA LYS A 370 -31.06 27.60 7.91
C LYS A 370 -29.78 27.02 8.46
N LEU A 371 -28.71 27.09 7.69
CA LEU A 371 -27.44 26.54 8.11
C LEU A 371 -26.63 27.62 8.80
N THR A 372 -26.20 27.34 10.02
CA THR A 372 -25.46 28.30 10.80
C THR A 372 -24.20 27.60 11.24
N GLY A 373 -23.15 27.78 10.45
CA GLY A 373 -21.84 27.24 10.76
C GLY A 373 -21.08 28.31 11.50
N GLU A 374 -20.53 27.94 12.65
CA GLU A 374 -19.88 28.90 13.53
C GLU A 374 -18.70 28.26 14.24
N GLU A 375 -17.96 29.06 14.97
CA GLU A 375 -16.80 28.54 15.66
C GLU A 375 -17.26 27.72 16.85
N GLU A 376 -16.40 26.80 17.29
CA GLU A 376 -16.72 25.89 18.37
C GLU A 376 -17.26 26.60 19.61
N SER A 377 -16.58 27.68 20.01
CA SER A 377 -16.94 28.39 21.23
C SER A 377 -18.36 28.94 21.12
N SER A 378 -18.70 29.42 19.94
CA SER A 378 -20.03 29.93 19.68
C SER A 378 -21.07 28.81 19.75
N ILE A 379 -20.68 27.63 19.28
CA ILE A 379 -21.56 26.46 19.31
C ILE A 379 -21.83 26.02 20.76
N TYR A 380 -20.81 26.09 21.62
CA TYR A 380 -21.00 25.71 23.01
C TYR A 380 -21.93 26.67 23.74
N ALA A 381 -21.88 27.94 23.35
CA ALA A 381 -22.78 28.95 23.88
C ALA A 381 -24.23 28.65 23.48
N ARG A 382 -24.42 28.24 22.23
CA ARG A 382 -25.74 27.82 21.74
C ARG A 382 -26.29 26.60 22.47
N GLN A 383 -25.44 25.59 22.66
CA GLN A 383 -25.84 24.37 23.39
C GLN A 383 -26.39 24.69 24.77
N ARG A 384 -25.67 25.52 25.51
CA ARG A 384 -26.05 25.81 26.87
C ARG A 384 -27.26 26.74 26.99
N ASP A 385 -27.39 27.66 26.03
CA ASP A 385 -28.51 28.61 26.00
C ASP A 385 -29.79 28.01 25.40
N GLY A 386 -29.64 26.94 24.64
CA GLY A 386 -30.76 26.36 23.93
C GLY A 386 -31.11 27.16 22.68
N ARG A 387 -30.16 27.96 22.20
CA ARG A 387 -30.42 28.78 21.02
C ARG A 387 -30.09 27.98 19.77
N PHE A 388 -30.91 26.95 19.53
CA PHE A 388 -30.81 26.11 18.34
C PHE A 388 -32.15 25.40 18.13
N ASP A 389 -32.42 24.97 16.90
CA ASP A 389 -33.55 24.09 16.66
C ASP A 389 -33.04 22.67 16.49
N MET A 390 -31.91 22.56 15.80
CA MET A 390 -31.23 21.29 15.62
C MET A 390 -29.75 21.53 15.83
N ILE A 391 -29.07 20.59 16.46
CA ILE A 391 -27.64 20.74 16.70
C ILE A 391 -27.00 19.36 16.72
N PHE A 392 -25.81 19.22 16.14
CA PHE A 392 -25.14 17.92 16.13
C PHE A 392 -24.69 17.49 17.51
N ASN A 393 -24.77 16.20 17.79
CA ASN A 393 -24.25 15.63 19.03
C ASN A 393 -23.77 14.21 18.74
N GLN A 394 -23.04 13.64 19.68
CA GLN A 394 -22.54 12.26 19.55
C GLN A 394 -22.58 11.57 20.89
N THR A 395 -22.87 10.27 20.90
CA THR A 395 -22.77 9.51 22.14
C THR A 395 -21.30 9.32 22.49
N TRP A 396 -21.00 8.70 23.62
CA TRP A 396 -19.61 8.60 24.06
C TRP A 396 -18.89 7.44 23.43
N GLY A 397 -19.61 6.39 23.09
CA GLY A 397 -18.96 5.19 22.57
C GLY A 397 -18.62 4.22 23.68
N ALA A 398 -18.45 2.95 23.31
CA ALA A 398 -18.08 1.89 24.26
C ALA A 398 -16.73 2.18 24.88
N PRO A 399 -16.56 1.89 26.17
CA PRO A 399 -17.53 1.29 27.10
C PRO A 399 -18.25 2.31 27.99
N TYR A 400 -18.31 3.56 27.54
CA TYR A 400 -18.94 4.63 28.33
C TYR A 400 -20.47 4.67 28.22
N ASP A 401 -21.04 4.02 27.21
CA ASP A 401 -22.48 4.09 26.90
C ASP A 401 -23.24 2.95 27.59
N PRO A 402 -24.51 3.18 27.97
CA PRO A 402 -25.27 4.43 27.82
C PRO A 402 -25.06 5.39 28.99
N HIS A 403 -24.40 4.97 30.07
CA HIS A 403 -24.46 5.75 31.31
C HIS A 403 -23.90 7.17 31.18
N ALA A 404 -22.78 7.34 30.50
CA ALA A 404 -22.14 8.68 30.41
C ALA A 404 -23.01 9.68 29.67
N PHE A 405 -23.52 9.27 28.52
CA PHE A 405 -24.34 10.15 27.71
C PHE A 405 -25.69 10.40 28.38
N VAL A 406 -26.29 9.36 28.93
CA VAL A 406 -27.59 9.55 29.58
C VAL A 406 -27.42 10.45 30.81
N SER A 407 -26.35 10.24 31.55
CA SER A 407 -26.11 11.08 32.72
C SER A 407 -26.08 12.57 32.39
N SER A 408 -25.48 12.92 31.26
N SER A 408 -25.53 12.94 31.25
CA SER A 408 -25.37 14.32 30.87
CA SER A 408 -25.38 14.37 30.93
C SER A 408 -26.70 14.97 30.50
C SER A 408 -26.71 14.99 30.45
N MET A 409 -27.72 14.16 30.21
CA MET A 409 -29.05 14.68 29.82
C MET A 409 -29.74 15.46 30.92
N ARG A 410 -29.35 15.19 32.16
N ARG A 410 -29.36 15.21 32.18
CA ARG A 410 -30.00 15.87 33.28
CA ARG A 410 -30.03 15.91 33.28
C ARG A 410 -29.15 17.01 33.84
C ARG A 410 -29.18 17.07 33.81
N VAL A 411 -28.06 17.34 33.15
CA VAL A 411 -27.17 18.41 33.60
C VAL A 411 -27.33 19.65 32.72
N PRO A 412 -27.67 20.79 33.34
CA PRO A 412 -27.85 22.03 32.58
C PRO A 412 -26.59 22.36 31.79
N SER A 413 -26.76 23.11 30.70
CA SER A 413 -25.68 23.59 29.84
C SER A 413 -25.20 22.51 28.86
N HIS A 414 -25.65 21.27 29.03
CA HIS A 414 -25.49 20.26 27.96
C HIS A 414 -26.55 20.40 26.88
N ALA A 415 -26.18 20.18 25.62
CA ALA A 415 -27.14 20.30 24.53
C ALA A 415 -28.39 19.45 24.76
N ASP A 416 -28.17 18.23 25.27
CA ASP A 416 -29.28 17.29 25.43
C ASP A 416 -30.26 17.73 26.48
N TYR A 417 -29.75 18.34 27.54
CA TYR A 417 -30.64 18.91 28.55
C TYR A 417 -31.53 19.98 27.94
N GLN A 418 -30.93 20.93 27.24
CA GLN A 418 -31.70 22.00 26.62
C GLN A 418 -32.71 21.45 25.59
N ALA A 419 -32.30 20.46 24.83
CA ALA A 419 -33.16 19.90 23.78
C ALA A 419 -34.35 19.15 24.36
N GLN A 420 -34.20 18.62 25.58
CA GLN A 420 -35.27 17.85 26.21
C GLN A 420 -36.17 18.67 27.13
N LEU A 421 -35.89 19.96 27.27
CA LEU A 421 -36.58 20.79 28.28
C LEU A 421 -38.07 20.95 28.01
N GLY A 422 -38.46 20.79 26.75
CA GLY A 422 -39.85 21.00 26.40
C GLY A 422 -40.72 19.77 26.61
N LEU A 423 -40.11 18.67 27.03
CA LEU A 423 -40.85 17.43 27.24
C LEU A 423 -41.63 17.56 28.54
N PRO A 424 -42.91 17.18 28.53
CA PRO A 424 -43.67 17.21 29.79
C PRO A 424 -43.07 16.24 30.80
N ASP A 425 -42.49 15.15 30.32
N ASP A 425 -42.47 15.17 30.28
CA ASP A 425 -41.95 14.13 31.19
CA ASP A 425 -41.90 14.08 31.06
C ASP A 425 -40.46 14.33 31.47
C ASP A 425 -40.49 14.36 31.58
N LYS A 426 -39.96 15.55 31.30
CA LYS A 426 -38.54 15.82 31.52
C LYS A 426 -38.12 15.59 32.99
N ALA A 427 -38.89 16.11 33.95
CA ALA A 427 -38.53 15.90 35.35
C ALA A 427 -38.48 14.42 35.70
N LYS A 428 -39.45 13.66 35.21
CA LYS A 428 -39.49 12.22 35.45
C LYS A 428 -38.34 11.48 34.82
N ILE A 429 -38.05 11.83 33.56
CA ILE A 429 -36.89 11.26 32.90
C ILE A 429 -35.63 11.51 33.70
N ASP A 430 -35.46 12.76 34.17
CA ASP A 430 -34.25 13.09 34.92
C ASP A 430 -34.19 12.34 36.25
N ALA A 431 -35.34 12.13 36.88
CA ALA A 431 -35.38 11.32 38.11
C ALA A 431 -35.02 9.86 37.82
N GLU A 432 -35.49 9.30 36.70
CA GLU A 432 -35.14 7.94 36.37
C GLU A 432 -33.66 7.77 36.08
N ILE A 433 -33.05 8.79 35.47
CA ILE A 433 -31.62 8.77 35.19
C ILE A 433 -30.87 8.77 36.52
N GLY A 434 -31.29 9.59 37.47
CA GLY A 434 -30.62 9.62 38.76
C GLY A 434 -30.73 8.28 39.47
N GLN A 435 -31.90 7.66 39.32
CA GLN A 435 -32.15 6.36 39.94
C GLN A 435 -31.37 5.23 39.27
N VAL A 436 -31.24 5.28 37.95
CA VAL A 436 -30.59 4.17 37.25
C VAL A 436 -29.08 4.13 37.53
N LEU A 437 -28.48 5.29 37.79
CA LEU A 437 -27.04 5.35 38.00
C LEU A 437 -26.67 4.78 39.37
N VAL A 438 -27.57 4.86 40.35
CA VAL A 438 -27.32 4.25 41.66
C VAL A 438 -28.09 2.95 41.88
N SER A 439 -28.74 2.45 40.84
CA SER A 439 -29.48 1.19 40.96
C SER A 439 -28.55 0.03 41.26
N THR A 440 -28.97 -0.83 42.19
CA THR A 440 -28.15 -2.01 42.50
C THR A 440 -28.86 -3.25 41.97
N ASP A 441 -29.98 -3.00 41.28
CA ASP A 441 -30.87 -4.07 40.85
C ASP A 441 -30.91 -4.10 39.34
N GLU A 442 -30.46 -5.22 38.76
CA GLU A 442 -30.28 -5.34 37.33
C GLU A 442 -31.60 -5.33 36.56
N THR A 443 -32.64 -5.90 37.17
CA THR A 443 -33.97 -5.86 36.61
C THR A 443 -34.53 -4.43 36.60
N ALA A 444 -34.37 -3.73 37.71
CA ALA A 444 -34.80 -2.34 37.80
C ALA A 444 -34.04 -1.49 36.80
N ARG A 445 -32.74 -1.77 36.67
CA ARG A 445 -31.85 -1.04 35.79
C ARG A 445 -32.31 -1.17 34.33
N GLN A 446 -32.68 -2.37 33.89
N GLN A 446 -32.68 -2.38 33.94
CA GLN A 446 -33.14 -2.52 32.52
CA GLN A 446 -33.21 -2.65 32.61
C GLN A 446 -34.50 -1.84 32.30
C GLN A 446 -34.47 -1.86 32.34
N ALA A 447 -35.38 -1.94 33.30
CA ALA A 447 -36.68 -1.29 33.17
C ALA A 447 -36.53 0.21 33.11
N LEU A 448 -35.58 0.76 33.86
CA LEU A 448 -35.42 2.21 33.88
C LEU A 448 -34.89 2.72 32.54
N TYR A 449 -33.88 2.04 32.00
CA TYR A 449 -33.30 2.46 30.71
C TYR A 449 -34.33 2.26 29.61
N LYS A 450 -35.09 1.18 29.69
CA LYS A 450 -36.10 0.93 28.66
C LYS A 450 -37.10 2.07 28.61
N ASP A 451 -37.52 2.54 29.77
CA ASP A 451 -38.48 3.64 29.84
C ASP A 451 -37.86 4.94 29.31
N ILE A 452 -36.66 5.26 29.76
CA ILE A 452 -35.97 6.46 29.30
C ILE A 452 -35.77 6.43 27.78
N LEU A 453 -35.20 5.35 27.26
CA LEU A 453 -34.88 5.29 25.83
C LEU A 453 -36.16 5.23 24.98
N THR A 454 -37.22 4.64 25.53
CA THR A 454 -38.48 4.58 24.80
C THR A 454 -39.12 5.96 24.71
N ARG A 455 -39.11 6.71 25.81
CA ARG A 455 -39.65 8.07 25.76
C ARG A 455 -38.86 8.95 24.78
N LEU A 456 -37.53 8.86 24.80
CA LEU A 456 -36.73 9.70 23.91
C LEU A 456 -36.96 9.34 22.45
N HIS A 457 -37.25 8.06 22.19
CA HIS A 457 -37.46 7.61 20.81
C HIS A 457 -38.86 7.98 20.34
N GLU A 458 -39.86 7.68 21.17
CA GLU A 458 -41.24 7.97 20.80
C GLU A 458 -41.51 9.47 20.73
N GLU A 459 -40.77 10.26 21.51
CA GLU A 459 -40.96 11.71 21.45
C GLU A 459 -40.05 12.34 20.42
N ALA A 460 -39.31 11.50 19.71
CA ALA A 460 -38.45 11.91 18.61
C ALA A 460 -37.53 13.06 18.97
N VAL A 461 -36.90 12.97 20.14
CA VAL A 461 -35.96 14.01 20.60
C VAL A 461 -34.75 14.07 19.70
N TYR A 462 -34.39 12.91 19.13
CA TYR A 462 -33.23 12.85 18.25
C TYR A 462 -33.61 12.52 16.82
N LEU A 463 -32.79 12.97 15.89
CA LEU A 463 -32.65 12.37 14.56
C LEU A 463 -31.34 11.57 14.59
N PRO A 464 -31.43 10.28 14.92
CA PRO A 464 -30.22 9.45 14.86
C PRO A 464 -29.78 9.38 13.42
N LEU A 465 -28.48 9.55 13.17
CA LEU A 465 -28.04 9.55 11.79
C LEU A 465 -27.20 8.33 11.45
N THR A 466 -26.02 8.21 12.06
CA THR A 466 -25.08 7.15 11.68
C THR A 466 -24.43 6.50 12.89
N SER A 467 -23.96 5.27 12.70
CA SER A 467 -23.13 4.63 13.70
C SER A 467 -21.70 4.71 13.21
N VAL A 468 -20.83 5.34 14.00
CA VAL A 468 -19.41 5.37 13.66
C VAL A 468 -18.87 3.95 13.80
N THR A 469 -18.00 3.54 12.89
CA THR A 469 -17.41 2.19 12.95
C THR A 469 -15.91 2.27 12.81
N ALA A 470 -15.20 1.26 13.30
CA ALA A 470 -13.78 1.15 13.01
C ALA A 470 -13.64 0.68 11.56
N MET A 471 -12.66 1.23 10.83
CA MET A 471 -12.39 0.86 9.45
C MET A 471 -11.10 0.08 9.42
N ALA A 472 -11.02 -0.93 8.57
CA ALA A 472 -9.77 -1.64 8.37
C ALA A 472 -9.51 -1.86 6.89
N VAL A 473 -8.27 -1.59 6.49
CA VAL A 473 -7.79 -1.88 5.13
C VAL A 473 -6.57 -2.76 5.29
N ALA A 474 -6.58 -3.94 4.68
CA ALA A 474 -5.46 -4.87 4.91
C ALA A 474 -5.08 -5.62 3.65
N LYS A 475 -3.82 -5.99 3.57
CA LYS A 475 -3.38 -6.94 2.57
C LYS A 475 -4.12 -8.25 2.81
N PRO A 476 -4.52 -8.93 1.74
CA PRO A 476 -5.35 -10.14 1.89
C PRO A 476 -4.70 -11.22 2.77
N GLU A 477 -3.38 -11.29 2.78
CA GLU A 477 -2.66 -12.31 3.55
C GLU A 477 -2.75 -12.11 5.06
N VAL A 478 -3.29 -10.97 5.49
CA VAL A 478 -3.42 -10.72 6.92
C VAL A 478 -4.61 -11.52 7.46
N GLY A 479 -5.54 -11.86 6.58
CA GLY A 479 -6.69 -12.66 6.98
C GLY A 479 -7.82 -11.78 7.50
N LYS A 480 -8.89 -12.41 7.98
CA LYS A 480 -10.04 -11.66 8.45
C LYS A 480 -9.67 -10.81 9.65
N ILE A 481 -10.21 -9.58 9.69
CA ILE A 481 -9.93 -8.67 10.80
C ILE A 481 -10.94 -8.89 11.90
N THR A 482 -10.46 -9.09 13.13
CA THR A 482 -11.33 -9.09 14.30
C THR A 482 -11.27 -7.71 14.90
N PHE A 483 -12.42 -7.05 14.97
CA PHE A 483 -12.47 -5.68 15.45
C PHE A 483 -12.58 -5.64 16.97
N GLY A 484 -12.03 -4.61 17.59
CA GLY A 484 -12.16 -4.39 19.03
C GLY A 484 -13.58 -4.01 19.39
N ALA A 485 -13.94 -4.20 20.66
CA ALA A 485 -15.26 -3.87 21.19
C ALA A 485 -15.37 -2.39 21.55
N MET A 486 -14.23 -1.70 21.54
CA MET A 486 -14.18 -0.28 21.74
C MET A 486 -13.19 0.30 20.74
N SER A 487 -13.31 1.59 20.42
CA SER A 487 -12.51 2.16 19.34
C SER A 487 -11.00 2.08 19.58
N SER A 488 -10.59 2.10 20.84
CA SER A 488 -9.16 2.10 21.15
C SER A 488 -8.57 0.69 21.17
N GLU A 489 -9.41 -0.31 20.97
CA GLU A 489 -8.95 -1.69 21.03
C GLU A 489 -8.69 -2.23 19.62
N ILE A 490 -7.42 -2.45 19.30
CA ILE A 490 -7.01 -2.99 18.00
C ILE A 490 -6.41 -4.35 18.26
N PRO A 491 -7.19 -5.44 18.03
CA PRO A 491 -6.82 -6.77 18.51
C PRO A 491 -5.80 -7.47 17.63
N PHE A 492 -4.57 -6.96 17.63
CA PHE A 492 -3.49 -7.61 16.87
C PHE A 492 -3.34 -9.07 17.25
N GLU A 493 -3.58 -9.40 18.52
CA GLU A 493 -3.37 -10.77 18.99
C GLU A 493 -4.39 -11.74 18.38
N LYS A 494 -5.43 -11.21 17.78
CA LYS A 494 -6.46 -12.05 17.19
C LYS A 494 -6.27 -12.23 15.68
N LEU A 495 -5.30 -11.51 15.11
CA LEU A 495 -5.03 -11.64 13.68
C LEU A 495 -4.44 -13.02 13.42
N THR A 496 -4.82 -13.64 12.30
CA THR A 496 -4.29 -14.94 11.90
C THR A 496 -3.89 -14.89 10.43
N PRO A 497 -2.60 -14.65 10.14
CA PRO A 497 -2.25 -14.48 8.73
C PRO A 497 -2.37 -15.79 7.94
N LYS A 498 -2.84 -15.67 6.70
CA LYS A 498 -3.01 -16.84 5.84
C LYS A 498 -1.84 -16.99 4.87
N ASP B 1 43.35 -26.59 -32.25
CA ASP B 1 41.96 -26.17 -32.11
C ASP B 1 41.76 -24.77 -32.69
N PRO B 2 40.54 -24.46 -33.14
CA PRO B 2 40.32 -23.20 -33.85
C PRO B 2 40.33 -21.95 -32.97
N LYS B 3 40.67 -20.83 -33.60
CA LYS B 3 40.75 -19.55 -32.93
C LYS B 3 39.77 -18.63 -33.63
N LEU B 4 39.08 -17.80 -32.84
CA LEU B 4 38.09 -16.87 -33.38
C LEU B 4 38.59 -15.45 -33.23
N ASN B 5 38.44 -14.65 -34.28
CA ASN B 5 38.66 -13.21 -34.17
C ASN B 5 37.31 -12.48 -34.10
N PHE B 6 37.15 -11.63 -33.07
CA PHE B 6 35.91 -10.92 -32.80
C PHE B 6 36.19 -9.41 -32.76
N SER B 7 35.30 -8.57 -33.31
CA SER B 7 35.48 -7.12 -33.23
C SER B 7 34.66 -6.48 -32.11
N TRP B 8 35.26 -5.51 -31.42
CA TRP B 8 34.53 -4.70 -30.44
C TRP B 8 35.06 -3.28 -30.52
N PRO B 9 34.22 -2.29 -30.20
CA PRO B 9 34.66 -0.88 -30.30
C PRO B 9 35.76 -0.51 -29.31
N VAL B 10 35.85 -1.22 -28.19
CA VAL B 10 36.82 -0.87 -27.15
C VAL B 10 37.50 -2.11 -26.56
N ASN B 11 38.58 -1.89 -25.82
CA ASN B 11 39.16 -2.98 -25.02
C ASN B 11 38.15 -3.45 -23.98
N VAL B 12 38.37 -4.65 -23.45
CA VAL B 12 37.39 -5.26 -22.56
C VAL B 12 37.49 -4.64 -21.15
N GLY B 13 38.61 -3.99 -20.87
CA GLY B 13 38.85 -3.40 -19.56
C GLY B 13 39.68 -4.32 -18.68
N PRO B 14 39.89 -3.94 -17.42
CA PRO B 14 40.67 -4.82 -16.54
C PRO B 14 39.87 -6.02 -16.04
N LEU B 15 38.55 -6.04 -16.32
CA LEU B 15 37.66 -7.12 -15.91
C LEU B 15 37.64 -7.29 -14.39
N ASN B 16 37.30 -6.19 -13.74
CA ASN B 16 36.90 -6.22 -12.35
C ASN B 16 35.46 -6.71 -12.35
N PRO B 17 35.18 -7.77 -11.57
CA PRO B 17 33.81 -8.31 -11.61
C PRO B 17 32.81 -7.38 -10.96
N HIS B 18 33.30 -6.45 -10.15
CA HIS B 18 32.44 -5.68 -9.27
C HIS B 18 32.41 -4.20 -9.61
N LEU B 19 32.83 -3.85 -10.82
CA LEU B 19 32.76 -2.47 -11.25
C LEU B 19 32.16 -2.41 -12.64
N TYR B 20 31.92 -1.19 -13.12
CA TYR B 20 31.18 -1.02 -14.37
C TYR B 20 32.18 -0.58 -15.42
N SER B 21 31.84 0.44 -16.20
N SER B 21 31.84 0.43 -16.21
CA SER B 21 32.74 0.97 -17.22
CA SER B 21 32.75 0.91 -17.24
C SER B 21 34.11 1.32 -16.62
C SER B 21 34.10 1.28 -16.62
N PRO B 22 35.20 1.03 -17.36
CA PRO B 22 35.26 0.56 -18.74
C PRO B 22 35.12 -0.95 -18.94
N ASN B 23 34.83 -1.71 -17.89
CA ASN B 23 34.65 -3.15 -18.06
C ASN B 23 33.46 -3.44 -18.97
N GLN B 24 33.69 -4.26 -19.99
CA GLN B 24 32.65 -4.64 -20.92
C GLN B 24 31.92 -5.87 -20.43
N MET B 25 30.59 -5.80 -20.38
CA MET B 25 29.77 -6.88 -19.83
C MET B 25 29.94 -8.22 -20.53
N PHE B 26 30.08 -8.24 -21.86
CA PHE B 26 30.19 -9.53 -22.54
C PHE B 26 31.48 -10.22 -22.09
N ALA B 27 32.50 -9.43 -21.77
CA ALA B 27 33.80 -9.99 -21.37
C ALA B 27 33.77 -10.44 -19.92
N GLN B 28 33.14 -9.64 -19.06
CA GLN B 28 32.88 -10.10 -17.70
C GLN B 28 32.15 -11.44 -17.73
N ASN B 29 31.20 -11.60 -18.66
N ASN B 29 31.21 -11.57 -18.67
CA ASN B 29 30.45 -12.85 -18.75
CA ASN B 29 30.42 -12.79 -18.85
C ASN B 29 31.28 -14.03 -19.26
C ASN B 29 31.25 -14.01 -19.29
N MET B 30 32.36 -13.76 -19.98
CA MET B 30 33.24 -14.84 -20.42
C MET B 30 34.08 -15.41 -19.28
N VAL B 31 34.38 -14.57 -18.30
CA VAL B 31 35.34 -14.93 -17.24
C VAL B 31 34.65 -15.25 -15.91
N TYR B 32 33.60 -14.49 -15.58
CA TYR B 32 32.94 -14.65 -14.29
C TYR B 32 31.54 -15.24 -14.43
N GLU B 33 31.06 -15.90 -13.38
CA GLU B 33 29.79 -16.61 -13.43
C GLU B 33 28.89 -16.25 -12.26
N PRO B 34 27.57 -16.32 -12.45
CA PRO B 34 26.60 -16.00 -11.41
C PRO B 34 26.11 -17.24 -10.64
N LEU B 35 25.36 -17.03 -9.55
CA LEU B 35 24.80 -18.15 -8.80
C LEU B 35 23.71 -18.84 -9.60
N VAL B 36 22.94 -18.04 -10.32
CA VAL B 36 21.79 -18.54 -11.07
C VAL B 36 21.87 -18.01 -12.49
N HIS B 37 21.31 -18.77 -13.42
CA HIS B 37 21.44 -18.49 -14.83
C HIS B 37 20.10 -18.13 -15.45
N TYR B 38 20.10 -17.06 -16.24
CA TYR B 38 18.89 -16.62 -16.94
C TYR B 38 18.76 -17.31 -18.29
N ASN B 39 17.66 -18.03 -18.50
CA ASN B 39 17.37 -18.77 -19.73
C ASN B 39 16.64 -17.91 -20.77
N ALA B 40 16.73 -18.27 -22.05
CA ALA B 40 16.15 -17.48 -23.13
C ALA B 40 14.63 -17.46 -23.07
N ASP B 41 14.04 -18.43 -22.38
CA ASP B 41 12.59 -18.47 -22.25
C ASP B 41 12.12 -17.69 -21.03
N GLY B 42 13.06 -17.00 -20.37
CA GLY B 42 12.71 -16.17 -19.24
C GLY B 42 12.80 -16.83 -17.87
N THR B 43 12.97 -18.14 -17.83
CA THR B 43 13.09 -18.83 -16.54
C THR B 43 14.50 -18.62 -16.00
N VAL B 44 14.67 -18.84 -14.71
CA VAL B 44 15.99 -18.80 -14.09
C VAL B 44 16.30 -20.20 -13.56
N GLY B 45 17.52 -20.66 -13.79
CA GLY B 45 17.88 -22.01 -13.38
C GLY B 45 19.18 -22.04 -12.61
N PRO B 46 19.54 -23.23 -12.12
CA PRO B 46 20.81 -23.42 -11.40
C PRO B 46 22.04 -23.05 -12.23
N TRP B 47 23.07 -22.55 -11.55
CA TRP B 47 24.37 -22.37 -12.19
C TRP B 47 25.42 -22.71 -11.14
N LEU B 48 26.15 -21.72 -10.63
CA LEU B 48 27.12 -21.99 -9.56
C LEU B 48 26.40 -22.46 -8.29
N ALA B 49 25.16 -22.04 -8.11
CA ALA B 49 24.31 -22.62 -7.06
C ALA B 49 23.47 -23.73 -7.69
N GLU B 50 23.54 -24.94 -7.14
CA GLU B 50 22.79 -26.05 -7.73
C GLU B 50 21.34 -26.08 -7.23
N SER B 51 21.09 -25.39 -6.13
CA SER B 51 19.75 -25.36 -5.55
C SER B 51 19.63 -24.16 -4.60
N TRP B 52 18.40 -23.76 -4.31
CA TRP B 52 18.19 -22.68 -3.35
C TRP B 52 16.81 -22.77 -2.71
N GLU B 53 16.66 -22.13 -1.57
CA GLU B 53 15.34 -22.11 -0.95
C GLU B 53 15.05 -20.70 -0.45
N ALA B 54 13.82 -20.26 -0.65
CA ALA B 54 13.40 -18.96 -0.18
C ALA B 54 12.61 -19.12 1.11
N SER B 55 12.89 -18.27 2.10
CA SER B 55 12.15 -18.30 3.36
C SER B 55 10.70 -17.90 3.12
N GLN B 56 9.85 -18.09 4.11
CA GLN B 56 8.43 -17.85 3.90
C GLN B 56 8.11 -16.38 3.69
N ASP B 57 8.74 -15.50 4.47
CA ASP B 57 8.52 -14.07 4.32
C ASP B 57 9.27 -13.48 3.12
N GLY B 58 10.00 -14.34 2.42
CA GLY B 58 10.73 -13.96 1.23
C GLY B 58 11.94 -13.09 1.49
N ARG B 59 12.36 -12.98 2.74
CA ARG B 59 13.47 -12.09 3.08
C ARG B 59 14.81 -12.81 3.16
N SER B 60 14.81 -14.15 3.07
CA SER B 60 16.07 -14.90 3.03
C SER B 60 16.09 -15.99 1.96
N TYR B 61 17.25 -16.14 1.33
CA TYR B 61 17.51 -17.19 0.36
C TYR B 61 18.78 -17.93 0.77
N THR B 62 18.73 -19.26 0.82
CA THR B 62 19.93 -20.06 1.09
C THR B 62 20.30 -20.83 -0.15
N PHE B 63 21.54 -20.62 -0.60
CA PHE B 63 22.01 -21.23 -1.83
C PHE B 63 22.96 -22.37 -1.53
N LYS B 64 22.69 -23.54 -2.12
CA LYS B 64 23.61 -24.67 -2.03
C LYS B 64 24.45 -24.67 -3.30
N LEU B 65 25.76 -24.59 -3.14
CA LEU B 65 26.68 -24.42 -4.25
C LEU B 65 27.15 -25.75 -4.84
N ARG B 66 27.53 -25.71 -6.12
CA ARG B 66 28.21 -26.84 -6.72
C ARG B 66 29.47 -27.11 -5.92
N GLU B 67 29.91 -28.37 -5.89
CA GLU B 67 31.09 -28.74 -5.11
C GLU B 67 32.26 -29.16 -6.00
N ASP B 68 32.13 -28.92 -7.30
CA ASP B 68 33.13 -29.34 -8.28
C ASP B 68 33.70 -28.16 -9.08
N VAL B 69 33.62 -26.96 -8.52
CA VAL B 69 34.07 -25.76 -9.24
C VAL B 69 35.40 -25.21 -8.70
N LYS B 70 36.33 -24.95 -9.61
CA LYS B 70 37.57 -24.24 -9.26
C LYS B 70 37.68 -22.95 -10.07
N PHE B 71 38.30 -21.94 -9.48
CA PHE B 71 38.71 -20.76 -10.24
C PHE B 71 39.80 -21.19 -11.22
N SER B 72 40.02 -20.42 -12.28
CA SER B 72 40.94 -20.81 -13.34
C SER B 72 42.39 -21.03 -12.87
N ASN B 73 42.75 -20.48 -11.71
CA ASN B 73 44.09 -20.71 -11.17
C ASN B 73 44.15 -21.93 -10.25
N GLY B 74 43.05 -22.68 -10.16
CA GLY B 74 43.07 -23.92 -9.40
C GLY B 74 42.52 -23.83 -7.99
N GLU B 75 42.24 -22.61 -7.54
CA GLU B 75 41.70 -22.43 -6.19
C GLU B 75 40.23 -22.84 -6.13
N VAL B 76 39.75 -23.24 -4.96
CA VAL B 76 38.39 -23.76 -4.86
C VAL B 76 37.35 -22.63 -4.82
N PHE B 77 36.23 -22.85 -5.49
CA PHE B 77 35.07 -21.97 -5.39
C PHE B 77 34.15 -22.55 -4.35
N ASP B 78 33.89 -21.77 -3.30
CA ASP B 78 33.10 -22.26 -2.17
C ASP B 78 32.28 -21.14 -1.52
N ALA B 79 31.58 -21.49 -0.44
CA ALA B 79 30.70 -20.51 0.20
C ALA B 79 31.49 -19.32 0.74
N ALA B 80 32.67 -19.60 1.27
CA ALA B 80 33.53 -18.55 1.80
C ALA B 80 33.89 -17.54 0.71
N ALA B 81 34.15 -18.05 -0.49
CA ALA B 81 34.46 -17.20 -1.63
C ALA B 81 33.27 -16.35 -2.06
N VAL B 82 32.09 -16.94 -2.04
CA VAL B 82 30.88 -16.21 -2.42
C VAL B 82 30.63 -15.09 -1.40
N LYS B 83 30.75 -15.41 -0.12
CA LYS B 83 30.53 -14.40 0.91
C LYS B 83 31.55 -13.26 0.79
N ALA B 84 32.79 -13.61 0.48
CA ALA B 84 33.85 -12.62 0.37
C ALA B 84 33.55 -11.63 -0.76
N ASN B 85 33.05 -12.16 -1.88
CA ASN B 85 32.65 -11.33 -3.01
C ASN B 85 31.44 -10.45 -2.69
N ILE B 86 30.40 -11.08 -2.13
CA ILE B 86 29.19 -10.34 -1.80
C ILE B 86 29.53 -9.22 -0.82
N ASP B 87 30.30 -9.53 0.22
CA ASP B 87 30.67 -8.52 1.21
C ASP B 87 31.39 -7.32 0.58
N THR B 88 32.33 -7.53 -0.34
CA THR B 88 33.03 -6.37 -0.89
C THR B 88 32.12 -5.53 -1.80
N VAL B 89 31.08 -6.15 -2.36
CA VAL B 89 30.11 -5.40 -3.16
C VAL B 89 29.29 -4.52 -2.21
N LEU B 90 28.78 -5.11 -1.15
CA LEU B 90 27.98 -4.40 -0.15
C LEU B 90 28.76 -3.32 0.60
N GLN B 91 30.06 -3.50 0.78
CA GLN B 91 30.89 -2.44 1.39
C GLN B 91 31.03 -1.25 0.44
N ASN B 92 30.75 -1.48 -0.83
CA ASN B 92 30.79 -0.41 -1.81
C ASN B 92 29.38 -0.12 -2.29
N ARG B 93 28.43 -0.24 -1.36
CA ARG B 93 27.02 0.02 -1.60
C ARG B 93 26.69 1.26 -2.48
N PRO B 94 27.42 2.38 -2.31
CA PRO B 94 27.15 3.55 -3.16
C PRO B 94 27.31 3.34 -4.67
N ARG B 95 28.11 2.38 -5.09
CA ARG B 95 28.24 2.16 -6.54
C ARG B 95 27.09 1.28 -7.08
N HIS B 96 26.42 0.58 -6.18
CA HIS B 96 25.50 -0.50 -6.56
C HIS B 96 24.03 -0.33 -6.17
N ASN B 97 23.70 0.67 -5.34
CA ASN B 97 22.34 0.85 -4.86
C ASN B 97 21.27 1.09 -5.93
N TRP B 98 21.69 1.55 -7.11
CA TRP B 98 20.78 1.67 -8.25
C TRP B 98 20.10 0.33 -8.60
N LEU B 99 20.80 -0.77 -8.35
CA LEU B 99 20.24 -2.10 -8.54
C LEU B 99 19.44 -2.44 -7.30
N GLU B 100 18.14 -2.66 -7.46
CA GLU B 100 17.23 -2.79 -6.33
C GLU B 100 17.55 -4.00 -5.44
N LEU B 101 18.10 -5.05 -6.06
CA LEU B 101 18.57 -6.22 -5.33
C LEU B 101 19.61 -5.82 -4.29
N VAL B 102 20.56 -4.99 -4.69
CA VAL B 102 21.58 -4.50 -3.77
C VAL B 102 20.94 -3.62 -2.71
N ASN B 103 20.09 -2.70 -3.16
CA ASN B 103 19.47 -1.74 -2.25
C ASN B 103 18.69 -2.44 -1.13
N GLN B 104 18.14 -3.60 -1.43
CA GLN B 104 17.36 -4.34 -0.44
C GLN B 104 18.16 -5.42 0.28
N MET B 105 19.41 -5.61 -0.11
CA MET B 105 20.25 -6.65 0.50
C MET B 105 20.86 -6.20 1.82
N VAL B 106 20.69 -7.02 2.85
CA VAL B 106 21.28 -6.73 4.16
C VAL B 106 22.66 -7.36 4.32
N SER B 107 22.74 -8.67 4.05
CA SER B 107 23.95 -9.42 4.35
C SER B 107 24.02 -10.78 3.67
N ALA B 108 25.24 -11.34 3.61
CA ALA B 108 25.45 -12.72 3.24
C ALA B 108 26.19 -13.44 4.36
N GLU B 109 25.80 -14.68 4.62
CA GLU B 109 26.40 -15.46 5.70
C GLU B 109 26.70 -16.88 5.22
N VAL B 110 27.81 -17.43 5.67
CA VAL B 110 28.14 -18.83 5.35
C VAL B 110 27.52 -19.76 6.38
N VAL B 111 26.64 -20.66 5.96
CA VAL B 111 25.99 -21.57 6.90
C VAL B 111 26.38 -23.03 6.60
N GLY B 112 27.34 -23.20 5.70
CA GLY B 112 27.93 -24.48 5.40
C GLY B 112 29.10 -24.28 4.44
N PRO B 113 29.97 -25.29 4.30
CA PRO B 113 31.10 -25.16 3.36
C PRO B 113 30.63 -24.80 1.95
N TYR B 114 29.45 -25.22 1.55
CA TYR B 114 28.93 -24.88 0.22
C TYR B 114 27.52 -24.30 0.31
N LYS B 115 27.27 -23.53 1.37
CA LYS B 115 25.97 -22.88 1.58
C LYS B 115 26.12 -21.43 2.04
N VAL B 116 25.47 -20.53 1.30
CA VAL B 116 25.47 -19.10 1.62
C VAL B 116 24.03 -18.63 1.76
N ARG B 117 23.75 -17.85 2.80
CA ARG B 117 22.42 -17.30 3.02
C ARG B 117 22.43 -15.81 2.72
N ILE B 118 21.48 -15.35 1.92
CA ILE B 118 21.37 -13.92 1.60
C ILE B 118 20.13 -13.34 2.28
N ASN B 119 20.32 -12.25 3.01
CA ASN B 119 19.25 -11.65 3.81
C ASN B 119 18.82 -10.32 3.24
N LEU B 120 17.51 -10.12 3.15
CA LEU B 120 16.94 -8.89 2.59
C LEU B 120 16.10 -8.09 3.60
N LYS B 121 16.01 -6.78 3.37
CA LYS B 121 15.17 -5.91 4.17
C LYS B 121 13.69 -6.21 3.99
N LYS B 122 13.31 -6.54 2.78
CA LYS B 122 11.93 -6.79 2.44
C LYS B 122 11.86 -7.84 1.34
N PRO B 123 10.66 -8.39 1.06
CA PRO B 123 10.60 -9.33 -0.05
C PRO B 123 11.00 -8.66 -1.34
N TYR B 124 11.71 -9.40 -2.20
CA TYR B 124 12.09 -8.89 -3.50
C TYR B 124 12.27 -10.06 -4.46
N TYR B 125 11.17 -10.53 -5.03
CA TYR B 125 11.22 -11.70 -5.90
C TYR B 125 12.19 -11.60 -7.09
N PRO B 126 12.47 -10.36 -7.62
CA PRO B 126 13.41 -10.35 -8.76
C PRO B 126 14.86 -10.64 -8.38
N LEU B 127 15.12 -11.04 -7.14
CA LEU B 127 16.48 -11.39 -6.71
C LEU B 127 17.15 -12.39 -7.64
N LEU B 128 16.44 -13.45 -8.02
CA LEU B 128 17.03 -14.47 -8.89
C LEU B 128 17.40 -13.89 -10.25
N GLN B 129 16.48 -13.13 -10.88
CA GLN B 129 16.78 -12.51 -12.17
C GLN B 129 17.99 -11.57 -12.09
N GLU B 130 18.07 -10.77 -11.03
CA GLU B 130 19.14 -9.79 -10.95
C GLU B 130 20.46 -10.40 -10.48
N LEU B 131 20.40 -11.57 -9.84
CA LEU B 131 21.64 -12.30 -9.54
C LEU B 131 22.27 -12.86 -10.83
N SER B 132 21.48 -12.93 -11.89
CA SER B 132 21.95 -13.52 -13.15
C SER B 132 22.67 -12.50 -14.03
N LEU B 133 22.65 -11.24 -13.60
CA LEU B 133 23.30 -10.15 -14.35
C LEU B 133 24.81 -10.38 -14.49
N PRO B 134 25.41 -9.76 -15.52
CA PRO B 134 26.87 -9.84 -15.69
C PRO B 134 27.64 -9.23 -14.52
N ARG B 135 27.02 -8.27 -13.84
CA ARG B 135 27.66 -7.63 -12.69
C ARG B 135 26.58 -7.03 -11.82
N PRO B 136 26.85 -6.85 -10.51
CA PRO B 136 28.09 -7.09 -9.76
C PRO B 136 28.19 -8.41 -9.02
N PHE B 137 27.19 -9.27 -9.11
CA PHE B 137 27.23 -10.51 -8.33
C PHE B 137 27.81 -11.72 -9.06
N ARG B 138 29.01 -11.55 -9.61
CA ARG B 138 29.78 -12.68 -10.12
C ARG B 138 31.10 -12.73 -9.37
N PHE B 139 31.84 -13.83 -9.50
CA PHE B 139 32.82 -14.16 -8.46
C PHE B 139 34.28 -14.28 -8.91
N ILE B 140 35.12 -13.49 -8.27
CA ILE B 140 36.56 -13.55 -8.47
C ILE B 140 37.17 -14.34 -7.32
N ALA B 141 38.30 -15.00 -7.59
CA ALA B 141 39.05 -15.64 -6.52
C ALA B 141 39.42 -14.58 -5.48
N PRO B 142 39.02 -14.81 -4.21
CA PRO B 142 39.33 -13.84 -3.15
C PRO B 142 40.82 -13.56 -2.98
N SER B 143 41.68 -14.50 -3.39
CA SER B 143 43.13 -14.26 -3.39
C SER B 143 43.53 -13.05 -4.25
N GLN B 144 42.66 -12.67 -5.16
CA GLN B 144 42.96 -11.59 -6.09
C GLN B 144 42.51 -10.24 -5.57
N PHE B 145 41.95 -10.21 -4.35
CA PHE B 145 41.59 -8.94 -3.70
C PHE B 145 42.81 -8.03 -3.49
N LYS B 146 42.58 -6.72 -3.49
CA LYS B 146 43.61 -5.76 -3.07
C LYS B 146 43.06 -4.93 -1.92
N ASN B 147 43.87 -4.82 -0.86
CA ASN B 147 43.48 -4.11 0.35
C ASN B 147 42.14 -4.60 0.91
N GLY B 148 41.92 -5.91 0.89
CA GLY B 148 40.72 -6.49 1.48
C GLY B 148 39.45 -6.36 0.66
N GLY B 149 39.58 -5.92 -0.60
CA GLY B 149 38.44 -5.82 -1.49
C GLY B 149 38.79 -5.69 -2.97
N THR B 150 37.81 -5.28 -3.77
CA THR B 150 37.99 -5.12 -5.21
C THR B 150 37.71 -3.70 -5.70
N ALA B 151 37.15 -2.85 -4.84
CA ALA B 151 36.64 -1.56 -5.28
C ALA B 151 37.73 -0.66 -5.86
N ASP B 152 38.97 -0.87 -5.42
CA ASP B 152 40.08 -0.05 -5.87
C ASP B 152 41.08 -0.84 -6.70
N GLY B 153 40.63 -1.96 -7.26
CA GLY B 153 41.49 -2.78 -8.10
C GLY B 153 41.62 -4.23 -7.70
N ILE B 154 42.05 -5.05 -8.65
CA ILE B 154 42.28 -6.48 -8.42
C ILE B 154 43.69 -6.87 -8.89
N VAL B 155 44.19 -8.00 -8.42
CA VAL B 155 45.51 -8.50 -8.84
C VAL B 155 45.43 -9.00 -10.27
N ALA B 156 44.61 -10.02 -10.48
CA ALA B 156 44.34 -10.55 -11.82
C ALA B 156 42.89 -10.98 -11.94
N PRO B 157 42.32 -10.93 -13.16
CA PRO B 157 40.92 -11.28 -13.35
C PRO B 157 40.64 -12.78 -13.34
N ILE B 158 40.72 -13.38 -12.15
CA ILE B 158 40.60 -14.83 -12.02
C ILE B 158 39.17 -15.24 -11.65
N GLY B 159 38.45 -15.78 -12.62
CA GLY B 159 37.08 -16.22 -12.39
C GLY B 159 36.94 -17.72 -12.57
N THR B 160 35.71 -18.22 -12.55
CA THR B 160 35.42 -19.64 -12.74
C THR B 160 34.95 -19.97 -14.16
N GLY B 161 34.79 -18.94 -15.00
CA GLY B 161 34.22 -19.10 -16.33
C GLY B 161 35.03 -19.92 -17.33
N PRO B 162 34.43 -20.18 -18.50
CA PRO B 162 35.08 -21.04 -19.51
C PRO B 162 36.21 -20.35 -20.27
N TRP B 163 36.38 -19.04 -20.06
CA TRP B 163 37.45 -18.27 -20.73
C TRP B 163 38.35 -17.56 -19.73
N LYS B 164 39.64 -17.48 -20.05
CA LYS B 164 40.61 -16.74 -19.24
C LYS B 164 41.21 -15.59 -20.04
N LEU B 165 41.31 -14.41 -19.45
CA LEU B 165 41.96 -13.29 -20.13
C LEU B 165 43.49 -13.43 -20.02
N THR B 166 44.17 -13.62 -21.15
CA THR B 166 45.59 -13.93 -21.11
C THR B 166 46.50 -12.85 -21.73
N GLU B 167 45.92 -11.94 -22.50
CA GLU B 167 46.69 -10.83 -23.06
C GLU B 167 45.86 -9.59 -23.31
N THR B 168 46.40 -8.43 -22.92
CA THR B 168 45.81 -7.14 -23.26
C THR B 168 46.83 -6.22 -23.91
N LYS B 169 46.51 -5.74 -25.11
CA LYS B 169 47.27 -4.67 -25.74
C LYS B 169 46.34 -3.49 -25.96
N LEU B 170 46.44 -2.48 -25.09
CA LEU B 170 45.54 -1.33 -25.15
C LEU B 170 45.49 -0.71 -26.53
N GLY B 171 44.27 -0.53 -27.02
CA GLY B 171 44.03 0.03 -28.33
C GLY B 171 44.15 -0.96 -29.46
N GLU B 172 44.50 -2.20 -29.16
CA GLU B 172 44.66 -3.23 -30.20
C GLU B 172 43.80 -4.45 -30.00
N HIS B 173 44.03 -5.17 -28.91
CA HIS B 173 43.24 -6.38 -28.67
C HIS B 173 43.26 -6.90 -27.25
N ASP B 174 42.36 -7.84 -26.99
CA ASP B 174 42.38 -8.65 -25.78
C ASP B 174 42.24 -10.12 -26.20
N VAL B 175 43.07 -10.99 -25.64
CA VAL B 175 43.05 -12.41 -25.99
C VAL B 175 42.49 -13.25 -24.84
N PHE B 176 41.51 -14.08 -25.17
CA PHE B 176 40.89 -15.01 -24.21
C PHE B 176 41.26 -16.43 -24.56
N THR B 177 41.71 -17.17 -23.55
CA THR B 177 42.11 -18.54 -23.73
C THR B 177 41.09 -19.45 -23.04
N ARG B 178 40.74 -20.56 -23.70
CA ARG B 178 39.85 -21.55 -23.11
C ARG B 178 40.39 -22.02 -21.77
N ASN B 179 39.50 -22.08 -20.79
CA ASN B 179 39.78 -22.62 -19.46
C ASN B 179 39.58 -24.11 -19.48
N ASP B 180 40.66 -24.88 -19.59
CA ASP B 180 40.51 -26.32 -19.75
C ASP B 180 40.17 -27.01 -18.44
N SER B 181 40.14 -26.24 -17.35
CA SER B 181 39.74 -26.73 -16.04
C SER B 181 38.32 -26.27 -15.70
N TYR B 182 37.59 -25.77 -16.68
CA TYR B 182 36.22 -25.30 -16.48
C TYR B 182 35.33 -26.46 -16.02
N TRP B 183 34.41 -26.19 -15.09
CA TRP B 183 33.56 -27.25 -14.55
C TRP B 183 32.53 -27.81 -15.54
N GLY B 184 32.10 -26.99 -16.50
CA GLY B 184 31.12 -27.42 -17.48
C GLY B 184 31.70 -27.84 -18.83
N PRO B 185 30.85 -27.89 -19.86
CA PRO B 185 31.32 -28.21 -21.20
C PRO B 185 32.41 -27.25 -21.64
N LYS B 186 33.43 -27.75 -22.33
CA LYS B 186 34.53 -26.92 -22.76
C LYS B 186 34.16 -26.28 -24.09
N PRO B 187 34.55 -25.01 -24.30
CA PRO B 187 34.37 -24.37 -25.61
C PRO B 187 35.04 -25.17 -26.72
N ALA B 188 34.43 -25.17 -27.90
CA ALA B 188 35.05 -25.77 -29.09
C ALA B 188 36.24 -24.93 -29.55
N TYR B 189 36.12 -23.60 -29.47
CA TYR B 189 37.23 -22.71 -29.80
C TYR B 189 38.23 -22.70 -28.65
N GLU B 190 39.53 -22.67 -28.98
CA GLU B 190 40.57 -22.60 -27.96
C GLU B 190 40.89 -21.17 -27.57
N GLN B 191 40.56 -20.22 -28.45
CA GLN B 191 40.93 -18.83 -28.25
C GLN B 191 39.96 -17.87 -28.91
N ILE B 192 39.63 -16.80 -28.19
CA ILE B 192 38.85 -15.70 -28.74
C ILE B 192 39.68 -14.44 -28.66
N THR B 193 39.96 -13.82 -29.80
CA THR B 193 40.67 -12.55 -29.82
C THR B 193 39.67 -11.43 -30.08
N VAL B 194 39.60 -10.48 -29.15
CA VAL B 194 38.76 -9.30 -29.32
C VAL B 194 39.63 -8.19 -29.91
N LYS B 195 39.40 -7.87 -31.18
CA LYS B 195 40.16 -6.82 -31.86
C LYS B 195 39.43 -5.49 -31.72
N VAL B 196 40.16 -4.45 -31.31
CA VAL B 196 39.54 -3.16 -31.02
C VAL B 196 39.34 -2.35 -32.29
N ILE B 197 38.08 -2.21 -32.71
CA ILE B 197 37.77 -1.50 -33.97
C ILE B 197 36.53 -0.62 -33.83
N PRO B 198 36.70 0.63 -33.35
CA PRO B 198 35.55 1.52 -33.13
C PRO B 198 34.87 2.02 -34.41
N ASP B 199 35.60 2.03 -35.52
CA ASP B 199 35.08 2.58 -36.78
C ASP B 199 34.41 1.49 -37.62
N PRO B 200 33.11 1.65 -37.88
CA PRO B 200 32.31 0.67 -38.62
C PRO B 200 32.89 0.34 -40.01
N ASN B 201 33.39 1.35 -40.71
CA ASN B 201 33.98 1.12 -42.02
C ASN B 201 35.28 0.33 -41.89
N THR B 202 36.06 0.65 -40.87
CA THR B 202 37.29 -0.09 -40.59
C THR B 202 36.94 -1.54 -40.26
N ARG B 203 35.84 -1.75 -39.52
CA ARG B 203 35.39 -3.09 -39.17
C ARG B 203 34.94 -3.92 -40.39
N ALA B 204 34.18 -3.28 -41.28
CA ALA B 204 33.77 -3.93 -42.52
C ALA B 204 34.98 -4.36 -43.34
N ILE B 205 35.96 -3.47 -43.43
CA ILE B 205 37.18 -3.74 -44.19
C ILE B 205 37.91 -4.93 -43.57
N ALA B 206 38.09 -4.90 -42.25
CA ALA B 206 38.73 -6.00 -41.55
C ALA B 206 38.00 -7.34 -41.75
N PHE B 207 36.65 -7.31 -41.71
CA PHE B 207 35.86 -8.53 -41.87
C PHE B 207 36.03 -9.11 -43.26
N GLU B 208 35.95 -8.24 -44.26
CA GLU B 208 36.09 -8.66 -45.65
C GLU B 208 37.47 -9.27 -45.89
N ALA B 209 38.50 -8.65 -45.33
CA ALA B 209 39.88 -9.11 -45.51
C ALA B 209 40.20 -10.35 -44.66
N GLY B 210 39.24 -10.78 -43.84
CA GLY B 210 39.38 -11.94 -42.98
C GLY B 210 40.19 -11.79 -41.71
N GLU B 211 40.28 -10.56 -41.20
CA GLU B 211 40.95 -10.27 -39.93
C GLU B 211 39.99 -10.43 -38.75
N ILE B 212 38.69 -10.45 -39.04
CA ILE B 212 37.69 -10.81 -38.02
C ILE B 212 36.65 -11.79 -38.59
N ASP B 213 36.15 -12.68 -37.72
CA ASP B 213 35.28 -13.80 -38.12
C ASP B 213 33.82 -13.62 -37.73
N LEU B 214 33.58 -12.79 -36.73
CA LEU B 214 32.24 -12.62 -36.14
C LEU B 214 32.04 -11.17 -35.74
N ILE B 215 30.85 -10.66 -36.08
CA ILE B 215 30.36 -9.38 -35.60
C ILE B 215 29.05 -9.70 -34.88
N TYR B 216 28.88 -9.20 -33.67
CA TYR B 216 27.72 -9.53 -32.84
C TYR B 216 27.35 -8.32 -32.01
N GLY B 217 26.08 -7.95 -32.00
CA GLY B 217 25.65 -6.84 -31.17
C GLY B 217 24.23 -6.43 -31.46
N THR B 218 23.71 -5.50 -30.65
CA THR B 218 22.40 -4.90 -30.87
C THR B 218 22.56 -3.55 -31.56
N GLU B 219 21.58 -2.66 -31.40
CA GLU B 219 21.59 -1.34 -32.04
C GLU B 219 22.91 -0.57 -31.89
N GLY B 220 23.60 -0.78 -30.78
CA GLY B 220 24.84 -0.07 -30.50
C GLY B 220 25.93 -0.29 -31.52
N PRO B 221 26.59 -1.45 -31.43
CA PRO B 221 27.74 -1.75 -32.30
C PRO B 221 27.36 -2.03 -33.77
N ILE B 222 26.12 -2.43 -34.05
CA ILE B 222 25.74 -2.76 -35.44
C ILE B 222 24.53 -1.99 -35.93
N SER B 223 24.73 -1.19 -36.99
CA SER B 223 23.63 -0.45 -37.62
C SER B 223 22.80 -1.38 -38.52
N PRO B 224 21.51 -1.03 -38.73
CA PRO B 224 20.72 -1.76 -39.73
C PRO B 224 21.41 -1.78 -41.10
N ASP B 225 21.98 -0.64 -41.50
CA ASP B 225 22.75 -0.55 -42.76
C ASP B 225 23.88 -1.58 -42.89
N THR B 226 24.67 -1.72 -41.83
CA THR B 226 25.77 -2.67 -41.83
C THR B 226 25.25 -4.10 -42.02
N PHE B 227 24.20 -4.45 -41.29
CA PHE B 227 23.62 -5.78 -41.37
C PHE B 227 23.07 -6.00 -42.77
N GLU B 228 22.40 -4.98 -43.29
CA GLU B 228 21.82 -5.08 -44.62
C GLU B 228 22.91 -5.28 -45.67
N ARG B 229 23.97 -4.49 -45.57
CA ARG B 229 25.08 -4.55 -46.53
C ARG B 229 25.64 -5.96 -46.60
N PHE B 230 25.84 -6.60 -45.45
CA PHE B 230 26.36 -7.97 -45.45
C PHE B 230 25.32 -9.03 -45.80
N GLN B 231 24.06 -8.87 -45.36
CA GLN B 231 23.09 -9.94 -45.64
C GLN B 231 22.74 -10.00 -47.12
N LYS B 232 22.89 -8.89 -47.83
CA LYS B 232 22.50 -8.91 -49.25
C LYS B 232 23.57 -9.58 -50.13
N MET B 233 24.80 -9.68 -49.63
CA MET B 233 25.87 -10.34 -50.39
C MET B 233 25.67 -11.85 -50.51
N GLY B 234 25.03 -12.46 -49.52
CA GLY B 234 24.71 -13.89 -49.57
C GLY B 234 25.89 -14.84 -49.42
N ILE B 235 27.02 -14.33 -48.92
CA ILE B 235 28.21 -15.18 -48.76
C ILE B 235 28.58 -15.35 -47.29
N TYR B 236 27.89 -14.63 -46.41
CA TYR B 236 28.14 -14.75 -44.99
C TYR B 236 26.92 -15.32 -44.27
N ASN B 237 27.11 -15.74 -43.03
CA ASN B 237 25.97 -16.13 -42.20
C ASN B 237 25.46 -14.92 -41.43
N THR B 238 24.18 -14.59 -41.61
CA THR B 238 23.58 -13.46 -40.93
C THR B 238 22.32 -13.97 -40.24
N GLU B 239 22.23 -13.73 -38.93
CA GLU B 239 21.10 -14.21 -38.11
C GLU B 239 20.67 -13.18 -37.06
N LEU B 240 19.48 -13.39 -36.50
CA LEU B 240 18.93 -12.52 -35.47
C LEU B 240 18.47 -13.31 -34.25
N SER B 241 18.59 -12.72 -33.07
CA SER B 241 18.15 -13.41 -31.86
C SER B 241 16.65 -13.36 -31.68
N GLU B 242 16.19 -13.97 -30.59
CA GLU B 242 14.83 -13.78 -30.10
C GLU B 242 14.72 -12.38 -29.50
N PRO B 243 13.48 -11.88 -29.28
CA PRO B 243 13.31 -10.51 -28.75
C PRO B 243 14.11 -10.23 -27.47
N LEU B 244 14.72 -9.05 -27.40
CA LEU B 244 15.46 -8.65 -26.21
C LEU B 244 14.79 -7.57 -25.38
N GLU B 245 14.40 -6.48 -26.02
CA GLU B 245 13.64 -5.41 -25.39
C GLU B 245 12.69 -4.85 -26.43
N THR B 246 11.68 -4.12 -25.97
CA THR B 246 10.66 -3.60 -26.88
C THR B 246 10.77 -2.09 -27.07
N ARG B 247 10.73 -1.64 -28.31
CA ARG B 247 10.61 -0.21 -28.58
C ARG B 247 9.13 0.11 -28.72
N VAL B 248 8.66 1.14 -28.02
CA VAL B 248 7.24 1.50 -28.09
C VAL B 248 7.08 3.00 -28.25
N LEU B 249 5.87 3.40 -28.62
CA LEU B 249 5.39 4.75 -28.36
C LEU B 249 4.49 4.72 -27.14
N ALA B 250 4.78 5.56 -26.16
CA ALA B 250 3.83 5.77 -25.09
C ALA B 250 2.81 6.81 -25.57
N LEU B 251 1.52 6.49 -25.44
CA LEU B 251 0.48 7.39 -25.87
C LEU B 251 -0.11 8.07 -24.64
N ASN B 252 -0.25 9.39 -24.69
CA ASN B 252 -0.57 10.11 -23.46
C ASN B 252 -2.07 10.10 -23.21
N THR B 253 -2.49 9.26 -22.26
CA THR B 253 -3.90 9.16 -21.89
C THR B 253 -4.39 10.39 -21.15
N ASN B 254 -3.48 11.30 -20.84
CA ASN B 254 -3.81 12.44 -19.98
C ASN B 254 -3.63 13.78 -20.71
N HIS B 255 -3.41 13.71 -22.02
CA HIS B 255 -3.06 14.89 -22.80
C HIS B 255 -3.42 14.74 -24.27
N GLY B 256 -4.00 15.79 -24.86
CA GLY B 256 -4.27 15.83 -26.28
C GLY B 256 -5.32 14.85 -26.78
N ALA B 257 -5.30 14.58 -28.07
CA ALA B 257 -6.29 13.69 -28.68
C ALA B 257 -6.14 12.26 -28.20
N THR B 258 -4.95 11.92 -27.69
CA THR B 258 -4.69 10.58 -27.19
C THR B 258 -5.38 10.28 -25.84
N LYS B 259 -6.04 11.29 -25.29
CA LYS B 259 -6.90 11.08 -24.13
C LYS B 259 -8.02 10.08 -24.44
N ASP B 260 -8.38 10.02 -25.72
CA ASP B 260 -9.51 9.24 -26.20
C ASP B 260 -9.10 7.81 -26.55
N LEU B 261 -9.68 6.82 -25.90
CA LEU B 261 -9.36 5.41 -26.19
C LEU B 261 -9.51 5.02 -27.66
N ALA B 262 -10.54 5.56 -28.31
CA ALA B 262 -10.75 5.30 -29.73
C ALA B 262 -9.57 5.77 -30.58
N VAL B 263 -9.03 6.94 -30.26
CA VAL B 263 -7.85 7.44 -30.96
C VAL B 263 -6.60 6.56 -30.74
N ARG B 264 -6.38 6.12 -29.50
CA ARG B 264 -5.23 5.25 -29.20
C ARG B 264 -5.38 3.91 -29.92
N LYS B 265 -6.59 3.38 -29.96
CA LYS B 265 -6.83 2.14 -30.70
C LYS B 265 -6.60 2.36 -32.19
N ALA B 266 -7.11 3.46 -32.74
CA ALA B 266 -6.91 3.78 -34.16
C ALA B 266 -5.43 3.82 -34.51
N ILE B 267 -4.64 4.51 -33.67
CA ILE B 267 -3.20 4.58 -33.86
C ILE B 267 -2.58 3.18 -33.90
N ASN B 268 -3.00 2.31 -32.98
CA ASN B 268 -2.49 0.96 -32.97
C ASN B 268 -2.83 0.17 -34.24
N HIS B 269 -3.98 0.47 -34.85
CA HIS B 269 -4.41 -0.22 -36.05
C HIS B 269 -3.85 0.39 -37.33
N ALA B 270 -3.31 1.61 -37.27
CA ALA B 270 -2.99 2.33 -38.51
C ALA B 270 -1.52 2.38 -38.90
N VAL B 271 -0.63 1.89 -38.04
CA VAL B 271 0.80 1.86 -38.40
C VAL B 271 1.21 0.50 -38.97
N ASP B 272 1.77 0.50 -40.17
CA ASP B 272 2.20 -0.72 -40.81
C ASP B 272 3.60 -1.07 -40.28
N LYS B 273 3.64 -1.83 -39.19
CA LYS B 273 4.91 -2.17 -38.56
C LYS B 273 5.79 -3.06 -39.44
N ASP B 274 5.18 -3.97 -40.18
CA ASP B 274 5.95 -4.86 -41.02
C ASP B 274 6.73 -4.08 -42.08
N THR B 275 6.09 -3.07 -42.66
CA THR B 275 6.74 -2.22 -43.65
C THR B 275 7.79 -1.31 -43.02
N MET B 276 7.51 -0.80 -41.83
CA MET B 276 8.50 -0.01 -41.12
C MET B 276 9.78 -0.84 -40.87
N ILE B 277 9.61 -2.06 -40.41
CA ILE B 277 10.75 -2.94 -40.18
C ILE B 277 11.47 -3.26 -41.49
N ALA B 278 10.70 -3.51 -42.54
CA ALA B 278 11.31 -3.84 -43.83
C ALA B 278 12.12 -2.70 -44.43
N THR B 279 11.69 -1.46 -44.20
CA THR B 279 12.32 -0.34 -44.92
C THR B 279 13.41 0.33 -44.11
N VAL B 280 13.06 0.90 -42.96
CA VAL B 280 14.08 1.64 -42.21
C VAL B 280 14.98 0.73 -41.37
N LEU B 281 14.51 -0.45 -40.96
CA LEU B 281 15.33 -1.31 -40.11
C LEU B 281 15.93 -2.50 -40.87
N TYR B 282 15.64 -2.61 -42.17
CA TYR B 282 16.14 -3.70 -42.99
C TYR B 282 15.96 -5.08 -42.36
N GLY B 283 14.80 -5.29 -41.74
CA GLY B 283 14.50 -6.58 -41.15
C GLY B 283 15.34 -6.98 -39.94
N THR B 284 16.05 -6.03 -39.32
CA THR B 284 16.90 -6.36 -38.17
C THR B 284 16.15 -6.40 -36.84
N GLN B 285 14.86 -6.10 -36.83
CA GLN B 285 14.08 -6.19 -35.60
C GLN B 285 12.77 -6.89 -35.90
N LYS B 286 12.09 -7.36 -34.86
CA LYS B 286 10.86 -8.12 -35.09
C LYS B 286 9.64 -7.32 -34.68
N ARG B 287 8.52 -7.54 -35.35
CA ARG B 287 7.28 -6.84 -35.01
C ARG B 287 6.87 -7.14 -33.57
N ALA B 288 6.57 -6.09 -32.81
CA ALA B 288 6.05 -6.25 -31.47
C ALA B 288 4.58 -5.84 -31.45
N ASP B 289 3.73 -6.74 -30.96
CA ASP B 289 2.30 -6.43 -30.89
C ASP B 289 1.82 -6.21 -29.47
N THR B 290 2.72 -6.45 -28.53
CA THR B 290 2.44 -6.26 -27.10
C THR B 290 3.61 -5.55 -26.44
N LEU B 291 3.38 -4.92 -25.30
CA LEU B 291 4.46 -4.25 -24.58
C LEU B 291 5.63 -5.20 -24.29
N PHE B 292 5.31 -6.41 -23.83
CA PHE B 292 6.32 -7.43 -23.58
C PHE B 292 6.13 -8.66 -24.46
N ALA B 293 7.23 -9.22 -24.95
CA ALA B 293 7.18 -10.45 -25.76
C ALA B 293 6.91 -11.67 -24.88
N ASP B 294 6.62 -12.81 -25.49
CA ASP B 294 6.20 -13.94 -24.68
C ASP B 294 7.37 -14.70 -24.06
N ASN B 295 8.60 -14.22 -24.28
CA ASN B 295 9.75 -14.79 -23.57
C ASN B 295 10.13 -13.98 -22.33
N VAL B 296 9.28 -13.01 -21.98
CA VAL B 296 9.47 -12.21 -20.78
C VAL B 296 8.73 -12.87 -19.62
N PRO B 297 9.38 -12.99 -18.45
CA PRO B 297 8.72 -13.60 -17.29
C PRO B 297 7.32 -13.00 -17.01
N TYR B 298 6.33 -13.88 -16.85
CA TYR B 298 4.94 -13.51 -16.51
C TYR B 298 4.17 -12.81 -17.62
N ALA B 299 4.75 -12.69 -18.82
CA ALA B 299 4.11 -11.94 -19.89
C ALA B 299 3.55 -12.83 -21.00
N ASN B 300 3.69 -14.15 -20.84
CA ASN B 300 3.18 -15.05 -21.86
C ASN B 300 1.70 -15.34 -21.58
N ILE B 301 0.84 -14.37 -21.87
CA ILE B 301 -0.57 -14.44 -21.46
C ILE B 301 -1.58 -14.42 -22.62
N GLY B 302 -1.09 -14.47 -23.85
CA GLY B 302 -1.96 -14.63 -25.00
C GLY B 302 -2.78 -13.41 -25.39
N LEU B 303 -2.24 -12.21 -25.15
CA LEU B 303 -2.91 -10.98 -25.57
C LEU B 303 -3.15 -10.96 -27.09
N LYS B 304 -4.27 -10.38 -27.51
CA LYS B 304 -4.61 -10.33 -28.92
C LYS B 304 -4.00 -9.08 -29.56
N PRO B 305 -3.23 -9.27 -30.64
CA PRO B 305 -2.61 -8.14 -31.35
C PRO B 305 -3.64 -7.16 -31.91
N TYR B 306 -3.29 -5.88 -31.96
CA TYR B 306 -4.05 -4.95 -32.78
C TYR B 306 -3.59 -5.15 -34.22
N ALA B 307 -4.44 -5.69 -35.09
CA ALA B 307 -4.00 -5.95 -36.46
C ALA B 307 -3.84 -4.66 -37.25
N PHE B 308 -2.93 -4.67 -38.23
CA PHE B 308 -2.86 -3.54 -39.17
C PHE B 308 -4.14 -3.50 -39.99
N ASP B 309 -4.91 -2.44 -39.82
CA ASP B 309 -6.25 -2.34 -40.37
C ASP B 309 -6.63 -0.87 -40.43
N PRO B 310 -6.12 -0.15 -41.43
CA PRO B 310 -6.37 1.29 -41.49
C PRO B 310 -7.84 1.66 -41.71
N ALA B 311 -8.62 0.79 -42.34
CA ALA B 311 -10.05 1.07 -42.48
C ALA B 311 -10.72 1.08 -41.12
N LEU B 312 -10.36 0.11 -40.29
CA LEU B 312 -10.87 0.06 -38.92
C LEU B 312 -10.44 1.29 -38.13
N ALA B 313 -9.20 1.72 -38.33
CA ALA B 313 -8.68 2.90 -37.64
C ALA B 313 -9.52 4.13 -38.00
N ALA B 314 -9.84 4.27 -39.28
CA ALA B 314 -10.65 5.39 -39.73
C ALA B 314 -12.04 5.36 -39.11
N ARG B 315 -12.61 4.16 -38.99
CA ARG B 315 -13.93 4.04 -38.39
C ARG B 315 -13.95 4.34 -36.91
N LEU B 316 -12.87 3.99 -36.22
CA LEU B 316 -12.77 4.29 -34.80
C LEU B 316 -12.71 5.80 -34.59
N LEU B 317 -12.00 6.49 -35.49
CA LEU B 317 -11.86 7.93 -35.40
C LEU B 317 -13.19 8.62 -35.71
N ASP B 318 -13.78 8.28 -36.85
CA ASP B 318 -15.05 8.87 -37.26
C ASP B 318 -16.11 8.69 -36.20
N GLU B 319 -16.14 7.49 -35.63
CA GLU B 319 -17.08 7.10 -34.60
C GLU B 319 -16.64 7.62 -33.21
N ALA B 320 -15.77 8.62 -33.21
CA ALA B 320 -15.40 9.30 -31.97
C ALA B 320 -15.46 10.80 -32.20
N GLY B 321 -16.02 11.18 -33.33
CA GLY B 321 -16.27 12.58 -33.64
C GLY B 321 -15.18 13.24 -34.45
N TRP B 322 -14.11 12.50 -34.73
CA TRP B 322 -13.02 13.02 -35.55
C TRP B 322 -13.31 12.68 -37.00
N THR B 323 -13.92 13.63 -37.71
CA THR B 323 -14.44 13.35 -39.03
C THR B 323 -13.64 14.10 -40.09
N ALA B 324 -13.64 13.56 -41.30
CA ALA B 324 -13.02 14.24 -42.43
C ALA B 324 -14.10 14.77 -43.34
N LYS B 325 -13.98 16.04 -43.71
CA LYS B 325 -14.87 16.67 -44.69
C LYS B 325 -14.84 15.89 -46.00
N ALA B 326 -13.63 15.66 -46.50
CA ALA B 326 -13.43 14.92 -47.74
C ALA B 326 -12.39 13.82 -47.54
N SER B 327 -12.03 13.14 -48.61
CA SER B 327 -11.21 11.92 -48.56
C SER B 327 -9.86 12.07 -47.84
N GLY B 328 -9.07 13.06 -48.23
CA GLY B 328 -7.71 13.15 -47.74
C GLY B 328 -7.47 14.17 -46.64
N ASP B 329 -8.55 14.68 -46.05
CA ASP B 329 -8.44 15.77 -45.09
C ASP B 329 -7.96 15.30 -43.73
N ILE B 330 -7.27 16.19 -43.02
CA ILE B 330 -7.02 16.03 -41.61
C ILE B 330 -8.36 16.07 -40.92
N ARG B 331 -8.63 15.10 -40.05
CA ARG B 331 -9.92 15.05 -39.39
C ARG B 331 -10.08 16.21 -38.42
N GLU B 332 -11.32 16.49 -38.04
CA GLU B 332 -11.64 17.60 -37.18
C GLU B 332 -12.72 17.20 -36.19
N LYS B 333 -12.70 17.85 -35.03
CA LYS B 333 -13.71 17.62 -34.01
C LYS B 333 -13.93 18.91 -33.24
N ASP B 334 -15.10 19.51 -33.44
CA ASP B 334 -15.47 20.80 -32.85
C ASP B 334 -14.52 21.91 -33.28
N GLY B 335 -14.28 22.04 -34.58
CA GLY B 335 -13.43 23.11 -35.07
C GLY B 335 -11.95 22.78 -35.08
N GLN B 336 -11.56 21.77 -34.29
CA GLN B 336 -10.14 21.52 -34.04
C GLN B 336 -9.62 20.33 -34.85
N PRO B 337 -8.44 20.49 -35.47
CA PRO B 337 -7.78 19.41 -36.22
C PRO B 337 -7.28 18.28 -35.33
N LEU B 338 -7.17 17.10 -35.92
CA LEU B 338 -6.63 15.93 -35.22
C LEU B 338 -5.12 15.99 -35.33
N ALA B 339 -4.51 16.89 -34.57
CA ALA B 339 -3.07 17.04 -34.59
C ALA B 339 -2.49 16.49 -33.29
N ILE B 340 -1.46 15.66 -33.42
CA ILE B 340 -0.79 15.09 -32.27
C ILE B 340 0.71 15.21 -32.43
N GLU B 341 1.37 15.46 -31.31
CA GLU B 341 2.80 15.69 -31.33
C GLU B 341 3.55 14.43 -30.93
N LEU B 342 4.55 14.09 -31.72
CA LEU B 342 5.38 12.94 -31.46
C LEU B 342 6.80 13.39 -31.12
N CYS B 343 7.22 13.13 -29.88
CA CYS B 343 8.49 13.59 -29.34
C CYS B 343 9.54 12.47 -29.27
N PHE B 344 10.77 12.78 -29.68
CA PHE B 344 11.84 11.80 -29.69
C PHE B 344 13.22 12.45 -29.53
N ILE B 345 14.20 11.68 -29.07
CA ILE B 345 15.57 12.18 -28.97
C ILE B 345 16.10 12.33 -30.40
N GLY B 346 16.34 13.56 -30.82
CA GLY B 346 16.59 13.85 -32.24
C GLY B 346 17.87 13.27 -32.81
N THR B 347 18.75 12.77 -31.94
CA THR B 347 19.98 12.14 -32.41
C THR B 347 19.92 10.61 -32.38
N ASP B 348 18.75 10.06 -32.04
CA ASP B 348 18.56 8.61 -32.15
C ASP B 348 18.05 8.41 -33.57
N ALA B 349 18.95 8.00 -34.45
CA ALA B 349 18.68 7.92 -35.89
C ALA B 349 17.56 6.96 -36.24
N ILE B 350 17.50 5.85 -35.52
CA ILE B 350 16.47 4.85 -35.71
C ILE B 350 15.13 5.46 -35.31
N SER B 351 15.10 6.07 -34.11
CA SER B 351 13.90 6.70 -33.62
C SER B 351 13.34 7.71 -34.62
N LYS B 352 14.22 8.51 -35.21
CA LYS B 352 13.77 9.52 -36.16
C LYS B 352 13.10 8.95 -37.41
N SER B 353 13.72 7.94 -38.02
CA SER B 353 13.14 7.36 -39.23
C SER B 353 11.84 6.62 -38.92
N MET B 354 11.77 5.99 -37.74
CA MET B 354 10.53 5.36 -37.30
C MET B 354 9.45 6.43 -37.11
N ALA B 355 9.82 7.59 -36.57
CA ALA B 355 8.84 8.65 -36.34
C ALA B 355 8.29 9.19 -37.65
N GLU B 356 9.14 9.27 -38.67
CA GLU B 356 8.68 9.72 -39.99
C GLU B 356 7.73 8.72 -40.63
N ILE B 357 7.96 7.42 -40.40
CA ILE B 357 7.02 6.40 -40.88
C ILE B 357 5.68 6.47 -40.13
N VAL B 358 5.71 6.65 -38.81
CA VAL B 358 4.48 6.84 -38.05
C VAL B 358 3.68 8.03 -38.59
N GLN B 359 4.37 9.14 -38.85
CA GLN B 359 3.73 10.32 -39.40
C GLN B 359 3.03 10.04 -40.73
N ALA B 360 3.72 9.37 -41.62
CA ALA B 360 3.19 9.06 -42.94
C ALA B 360 2.00 8.11 -42.84
N ASP B 361 2.15 7.05 -42.05
CA ASP B 361 1.07 6.08 -41.90
C ASP B 361 -0.19 6.66 -41.25
N LEU B 362 -0.02 7.44 -40.19
CA LEU B 362 -1.17 8.03 -39.53
C LEU B 362 -1.82 9.11 -40.40
N ARG B 363 -1.03 9.79 -41.22
CA ARG B 363 -1.61 10.78 -42.13
C ARG B 363 -2.64 10.16 -43.08
N LYS B 364 -2.48 8.88 -43.39
CA LYS B 364 -3.39 8.20 -44.30
C LYS B 364 -4.80 8.11 -43.75
N VAL B 365 -4.94 8.15 -42.42
CA VAL B 365 -6.27 8.09 -41.81
C VAL B 365 -6.67 9.41 -41.15
N GLY B 366 -6.03 10.50 -41.56
CA GLY B 366 -6.53 11.81 -41.21
C GLY B 366 -5.92 12.41 -39.95
N ILE B 367 -4.84 11.80 -39.49
CA ILE B 367 -4.13 12.31 -38.31
C ILE B 367 -2.91 13.12 -38.72
N ASP B 368 -2.77 14.33 -38.18
CA ASP B 368 -1.64 15.19 -38.47
C ASP B 368 -0.58 15.09 -37.36
N VAL B 369 0.41 14.25 -37.59
CA VAL B 369 1.52 14.12 -36.64
C VAL B 369 2.55 15.23 -36.85
N LYS B 370 2.83 15.98 -35.78
CA LYS B 370 3.90 16.96 -35.77
C LYS B 370 5.14 16.33 -35.14
N LEU B 371 6.27 16.40 -35.83
CA LEU B 371 7.48 15.78 -35.33
C LEU B 371 8.35 16.71 -34.50
N THR B 372 8.70 16.28 -33.29
CA THR B 372 9.51 17.10 -32.40
C THR B 372 10.70 16.32 -31.83
N GLY B 373 11.86 16.45 -32.49
CA GLY B 373 13.10 15.87 -32.01
C GLY B 373 13.94 16.86 -31.22
N GLU B 374 14.36 16.48 -30.02
CA GLU B 374 15.15 17.37 -29.18
C GLU B 374 16.07 16.56 -28.26
N GLU B 375 16.90 17.26 -27.49
CA GLU B 375 17.96 16.62 -26.72
C GLU B 375 17.47 15.83 -25.50
N GLU B 376 18.28 14.86 -25.08
CA GLU B 376 17.91 13.90 -24.04
C GLU B 376 17.36 14.52 -22.75
N SER B 377 18.03 15.52 -22.20
CA SER B 377 17.58 16.13 -20.96
C SER B 377 16.21 16.79 -21.19
N SER B 378 16.05 17.40 -22.36
CA SER B 378 14.80 18.05 -22.73
C SER B 378 13.65 17.07 -22.90
N ILE B 379 13.92 15.91 -23.48
CA ILE B 379 12.90 14.89 -23.64
C ILE B 379 12.49 14.36 -22.26
N TYR B 380 13.46 14.20 -21.36
CA TYR B 380 13.15 13.71 -20.02
C TYR B 380 12.35 14.74 -19.22
N ALA B 381 12.59 16.02 -19.49
CA ALA B 381 11.77 17.08 -18.90
C ALA B 381 10.33 16.97 -19.40
N ARG B 382 10.17 16.69 -20.69
CA ARG B 382 8.85 16.43 -21.27
C ARG B 382 8.20 15.21 -20.63
N GLN B 383 8.97 14.14 -20.45
CA GLN B 383 8.45 12.94 -19.81
C GLN B 383 7.86 13.22 -18.42
N ARG B 384 8.59 13.96 -17.58
CA ARG B 384 8.15 14.19 -16.21
C ARG B 384 7.00 15.21 -16.16
N ASP B 385 6.98 16.11 -17.16
CA ASP B 385 5.91 17.11 -17.27
C ASP B 385 4.63 16.55 -17.91
N GLY B 386 4.78 15.47 -18.67
CA GLY B 386 3.66 14.92 -19.43
C GLY B 386 3.37 15.75 -20.67
N ARG B 387 4.37 16.52 -21.10
CA ARG B 387 4.21 17.43 -22.24
C ARG B 387 4.50 16.74 -23.57
N PHE B 388 3.62 15.81 -23.92
CA PHE B 388 3.73 15.06 -25.15
C PHE B 388 2.38 14.43 -25.47
N ASP B 389 2.16 14.07 -26.74
CA ASP B 389 1.03 13.23 -27.10
C ASP B 389 1.52 11.81 -27.30
N MET B 390 2.66 11.70 -27.98
CA MET B 390 3.33 10.43 -28.20
C MET B 390 4.81 10.65 -27.99
N ILE B 391 5.49 9.66 -27.43
CA ILE B 391 6.92 9.78 -27.15
C ILE B 391 7.55 8.37 -27.20
N PHE B 392 8.76 8.26 -27.75
CA PHE B 392 9.42 6.96 -27.83
C PHE B 392 9.81 6.47 -26.45
N ASN B 393 9.72 5.16 -26.24
CA ASN B 393 10.14 4.57 -24.97
C ASN B 393 10.66 3.17 -25.25
N GLN B 394 11.35 2.57 -24.28
CA GLN B 394 11.89 1.22 -24.46
C GLN B 394 11.83 0.45 -23.15
N THR B 395 11.55 -0.85 -23.21
CA THR B 395 11.60 -1.66 -22.00
C THR B 395 13.07 -1.85 -21.63
N TRP B 396 13.34 -2.52 -20.52
CA TRP B 396 14.74 -2.60 -20.08
C TRP B 396 15.50 -3.74 -20.76
N GLY B 397 14.79 -4.80 -21.11
CA GLY B 397 15.47 -5.97 -21.66
C GLY B 397 15.81 -6.97 -20.57
N ALA B 398 16.05 -8.21 -20.98
CA ALA B 398 16.45 -9.26 -20.06
C ALA B 398 17.76 -8.89 -19.38
N PRO B 399 17.89 -9.22 -18.07
CA PRO B 399 16.92 -9.87 -17.20
C PRO B 399 16.16 -8.89 -16.31
N TYR B 400 16.07 -7.63 -16.73
CA TYR B 400 15.40 -6.61 -15.91
C TYR B 400 13.88 -6.59 -16.04
N ASP B 401 13.34 -7.21 -17.10
CA ASP B 401 11.90 -7.18 -17.39
C ASP B 401 11.17 -8.37 -16.75
N PRO B 402 9.88 -8.21 -16.38
CA PRO B 402 9.12 -6.98 -16.52
C PRO B 402 9.25 -6.06 -15.32
N HIS B 403 9.88 -6.52 -14.23
CA HIS B 403 9.76 -5.80 -12.96
C HIS B 403 10.30 -4.38 -13.00
N ALA B 404 11.46 -4.19 -13.63
CA ALA B 404 12.08 -2.87 -13.66
C ALA B 404 11.18 -1.86 -14.37
N PHE B 405 10.71 -2.24 -15.54
CA PHE B 405 9.91 -1.32 -16.35
C PHE B 405 8.54 -1.11 -15.73
N VAL B 406 7.93 -2.20 -15.26
CA VAL B 406 6.60 -2.11 -14.66
C VAL B 406 6.66 -1.35 -13.34
N SER B 407 7.71 -1.59 -12.54
CA SER B 407 7.86 -0.88 -11.27
C SER B 407 7.88 0.64 -11.47
N SER B 408 8.53 1.07 -12.54
N SER B 408 8.49 1.10 -12.55
CA SER B 408 8.63 2.49 -12.87
CA SER B 408 8.59 2.53 -12.78
C SER B 408 7.31 3.14 -13.28
C SER B 408 7.31 3.16 -13.34
N MET B 409 6.31 2.34 -13.65
CA MET B 409 5.02 2.88 -14.10
C MET B 409 4.26 3.62 -13.01
N ARG B 410 4.51 3.25 -11.74
CA ARG B 410 3.79 3.84 -10.61
C ARG B 410 4.63 4.92 -9.92
N VAL B 411 5.78 5.22 -10.51
CA VAL B 411 6.69 6.21 -9.96
C VAL B 411 6.61 7.47 -10.83
N PRO B 412 6.32 8.62 -10.19
CA PRO B 412 6.21 9.90 -10.92
C PRO B 412 7.47 10.21 -11.73
N SER B 413 7.32 11.05 -12.77
CA SER B 413 8.43 11.54 -13.62
C SER B 413 8.92 10.56 -14.70
N HIS B 414 8.47 9.31 -14.63
CA HIS B 414 8.67 8.39 -15.75
C HIS B 414 7.64 8.68 -16.84
N ALA B 415 8.04 8.60 -18.10
CA ALA B 415 7.11 8.84 -19.20
C ALA B 415 5.86 8.00 -19.04
N ASP B 416 6.04 6.76 -18.59
CA ASP B 416 4.94 5.83 -18.46
C ASP B 416 3.93 6.23 -17.39
N TYR B 417 4.42 6.78 -16.29
CA TYR B 417 3.53 7.28 -15.23
C TYR B 417 2.65 8.38 -15.80
N GLN B 418 3.29 9.34 -16.45
CA GLN B 418 2.56 10.45 -17.06
C GLN B 418 1.58 10.01 -18.15
N ALA B 419 2.01 9.06 -18.96
CA ALA B 419 1.19 8.59 -20.08
C ALA B 419 -0.04 7.86 -19.57
N GLN B 420 0.05 7.28 -18.38
CA GLN B 420 -1.03 6.48 -17.82
C GLN B 420 -1.96 7.25 -16.90
N LEU B 421 -1.70 8.56 -16.72
CA LEU B 421 -2.44 9.34 -15.71
C LEU B 421 -3.92 9.51 -16.01
N GLY B 422 -4.29 9.38 -17.28
CA GLY B 422 -5.67 9.56 -17.70
C GLY B 422 -6.49 8.30 -17.59
N LEU B 423 -5.88 7.20 -17.15
CA LEU B 423 -6.60 5.94 -17.07
C LEU B 423 -7.55 5.90 -15.88
N PRO B 424 -8.78 5.45 -16.12
CA PRO B 424 -9.74 5.27 -15.01
C PRO B 424 -9.26 4.25 -13.98
N ASP B 425 -8.56 3.19 -14.41
CA ASP B 425 -8.11 2.17 -13.45
C ASP B 425 -6.65 2.39 -13.03
N LYS B 426 -6.16 3.63 -13.14
CA LYS B 426 -4.75 3.92 -12.84
C LYS B 426 -4.35 3.63 -11.38
N ALA B 427 -5.19 4.03 -10.43
CA ALA B 427 -4.88 3.78 -9.03
C ALA B 427 -4.79 2.28 -8.78
N LYS B 428 -5.70 1.52 -9.36
CA LYS B 428 -5.72 0.07 -9.19
C LYS B 428 -4.50 -0.60 -9.82
N ILE B 429 -4.15 -0.17 -11.03
CA ILE B 429 -2.96 -0.68 -11.71
C ILE B 429 -1.71 -0.47 -10.84
N ASP B 430 -1.56 0.74 -10.31
CA ASP B 430 -0.43 1.05 -9.47
C ASP B 430 -0.41 0.23 -8.18
N ALA B 431 -1.58 -0.03 -7.61
CA ALA B 431 -1.66 -0.88 -6.42
C ALA B 431 -1.25 -2.32 -6.69
N GLU B 432 -1.68 -2.86 -7.84
CA GLU B 432 -1.33 -4.23 -8.22
C GLU B 432 0.17 -4.34 -8.48
N ILE B 433 0.76 -3.25 -8.98
CA ILE B 433 2.20 -3.20 -9.20
C ILE B 433 2.97 -3.22 -7.88
N GLY B 434 2.51 -2.46 -6.90
CA GLY B 434 3.18 -2.46 -5.60
C GLY B 434 3.11 -3.84 -4.98
N GLN B 435 1.97 -4.48 -5.17
CA GLN B 435 1.75 -5.80 -4.59
C GLN B 435 2.58 -6.86 -5.35
N VAL B 436 2.74 -6.68 -6.65
CA VAL B 436 3.47 -7.67 -7.42
C VAL B 436 4.95 -7.62 -7.04
N LEU B 437 5.45 -6.45 -6.67
CA LEU B 437 6.88 -6.34 -6.37
C LEU B 437 7.26 -6.94 -5.01
N VAL B 438 6.33 -6.91 -4.05
CA VAL B 438 6.60 -7.53 -2.74
C VAL B 438 5.91 -8.89 -2.60
N SER B 439 5.34 -9.39 -3.68
CA SER B 439 4.67 -10.68 -3.64
C SER B 439 5.63 -11.80 -3.33
N THR B 440 5.19 -12.70 -2.45
CA THR B 440 5.97 -13.88 -2.11
C THR B 440 5.28 -15.07 -2.72
N ASP B 441 4.21 -14.79 -3.46
CA ASP B 441 3.30 -15.80 -3.93
C ASP B 441 3.32 -15.82 -5.46
N GLU B 442 3.81 -16.93 -6.02
CA GLU B 442 4.07 -17.05 -7.44
C GLU B 442 2.80 -17.13 -8.29
N THR B 443 1.77 -17.77 -7.75
CA THR B 443 0.47 -17.80 -8.40
C THR B 443 -0.14 -16.41 -8.39
N ALA B 444 -0.04 -15.75 -7.24
CA ALA B 444 -0.52 -14.37 -7.12
C ALA B 444 0.23 -13.47 -8.09
N ARG B 445 1.53 -13.69 -8.20
CA ARG B 445 2.38 -12.87 -9.07
C ARG B 445 1.92 -12.93 -10.53
N GLN B 446 1.65 -14.13 -11.02
CA GLN B 446 1.24 -14.29 -12.42
C GLN B 446 -0.15 -13.71 -12.67
N ALA B 447 -1.05 -13.87 -11.71
CA ALA B 447 -2.39 -13.31 -11.86
C ALA B 447 -2.31 -11.79 -11.87
N LEU B 448 -1.42 -11.23 -11.06
CA LEU B 448 -1.25 -9.79 -11.00
C LEU B 448 -0.68 -9.23 -12.31
N TYR B 449 0.35 -9.87 -12.82
CA TYR B 449 0.95 -9.40 -14.06
C TYR B 449 -0.05 -9.56 -15.20
N LYS B 450 -0.77 -10.67 -15.20
CA LYS B 450 -1.76 -10.89 -16.24
C LYS B 450 -2.78 -9.74 -16.25
N ASP B 451 -3.22 -9.34 -15.06
CA ASP B 451 -4.20 -8.25 -14.98
C ASP B 451 -3.60 -6.91 -15.43
N ILE B 452 -2.43 -6.57 -14.91
CA ILE B 452 -1.75 -5.32 -15.25
C ILE B 452 -1.49 -5.21 -16.75
N LEU B 453 -0.86 -6.24 -17.33
CA LEU B 453 -0.53 -6.21 -18.74
C LEU B 453 -1.78 -6.23 -19.64
N THR B 454 -2.85 -6.86 -19.15
CA THR B 454 -4.09 -6.93 -19.94
C THR B 454 -4.74 -5.55 -20.01
N ARG B 455 -4.75 -4.85 -18.88
CA ARG B 455 -5.30 -3.49 -18.85
C ARG B 455 -4.52 -2.52 -19.73
N LEU B 456 -3.19 -2.58 -19.71
CA LEU B 456 -2.38 -1.67 -20.51
C LEU B 456 -2.59 -1.92 -21.99
N HIS B 457 -2.85 -3.19 -22.33
CA HIS B 457 -3.04 -3.57 -23.73
C HIS B 457 -4.43 -3.19 -24.21
N GLU B 458 -5.44 -3.53 -23.41
CA GLU B 458 -6.83 -3.22 -23.78
C GLU B 458 -7.14 -1.72 -23.77
N GLU B 459 -6.41 -0.95 -22.95
CA GLU B 459 -6.57 0.51 -22.93
C GLU B 459 -5.63 1.20 -23.91
N ALA B 460 -4.90 0.40 -24.68
CA ALA B 460 -4.04 0.90 -25.75
C ALA B 460 -3.11 2.02 -25.28
N VAL B 461 -2.48 1.84 -24.13
CA VAL B 461 -1.57 2.83 -23.60
C VAL B 461 -0.33 2.99 -24.48
N TYR B 462 0.07 1.89 -25.12
CA TYR B 462 1.24 1.90 -25.97
C TYR B 462 0.89 1.64 -27.42
N LEU B 463 1.75 2.11 -28.30
CA LEU B 463 1.89 1.55 -29.63
C LEU B 463 3.19 0.73 -29.62
N PRO B 464 3.10 -0.57 -29.36
CA PRO B 464 4.32 -1.39 -29.46
C PRO B 464 4.79 -1.39 -30.91
N LEU B 465 6.09 -1.22 -31.14
CA LEU B 465 6.57 -1.18 -32.51
C LEU B 465 7.42 -2.39 -32.87
N THR B 466 8.59 -2.51 -32.24
CA THR B 466 9.56 -3.55 -32.61
C THR B 466 10.19 -4.20 -31.40
N SER B 467 10.67 -5.43 -31.58
CA SER B 467 11.50 -6.08 -30.58
C SER B 467 12.94 -5.96 -31.05
N VAL B 468 13.79 -5.35 -30.25
CA VAL B 468 15.22 -5.30 -30.55
C VAL B 468 15.77 -6.70 -30.48
N THR B 469 16.68 -7.05 -31.40
CA THR B 469 17.29 -8.38 -31.36
C THR B 469 18.80 -8.21 -31.47
N ALA B 470 19.55 -9.20 -30.98
CA ALA B 470 20.99 -9.22 -31.26
C ALA B 470 21.17 -9.66 -32.70
N MET B 471 22.13 -9.06 -33.38
CA MET B 471 22.46 -9.37 -34.78
C MET B 471 23.78 -10.09 -34.81
N ALA B 472 23.94 -11.04 -35.72
CA ALA B 472 25.23 -11.67 -35.90
C ALA B 472 25.54 -11.76 -37.38
N VAL B 473 26.78 -11.40 -37.73
CA VAL B 473 27.31 -11.59 -39.09
C VAL B 473 28.57 -12.41 -38.89
N ALA B 474 28.64 -13.57 -39.54
CA ALA B 474 29.77 -14.47 -39.31
C ALA B 474 30.22 -15.15 -40.59
N LYS B 475 31.50 -15.48 -40.65
CA LYS B 475 31.97 -16.37 -41.70
C LYS B 475 31.27 -17.74 -41.55
N PRO B 476 30.94 -18.39 -42.66
CA PRO B 476 30.20 -19.66 -42.59
C PRO B 476 30.89 -20.73 -41.73
N GLU B 477 32.23 -20.74 -41.71
CA GLU B 477 32.95 -21.75 -40.95
C GLU B 477 32.80 -21.59 -39.43
N VAL B 478 32.21 -20.48 -39.01
CA VAL B 478 31.98 -20.25 -37.58
C VAL B 478 30.81 -21.11 -37.10
N GLY B 479 29.94 -21.49 -38.03
CA GLY B 479 28.81 -22.35 -37.70
C GLY B 479 27.60 -21.56 -37.25
N LYS B 480 26.55 -22.27 -36.84
CA LYS B 480 25.31 -21.63 -36.40
C LYS B 480 25.53 -20.82 -35.12
N ILE B 481 24.94 -19.63 -35.05
CA ILE B 481 25.14 -18.80 -33.88
C ILE B 481 24.11 -19.11 -32.79
N THR B 482 24.60 -19.34 -31.57
CA THR B 482 23.71 -19.46 -30.43
C THR B 482 23.68 -18.09 -29.75
N PHE B 483 22.50 -17.49 -29.66
CA PHE B 483 22.39 -16.16 -29.11
C PHE B 483 22.25 -16.17 -27.60
N GLY B 484 22.76 -15.14 -26.94
CA GLY B 484 22.58 -15.01 -25.51
C GLY B 484 21.15 -14.70 -25.16
N ALA B 485 20.78 -14.96 -23.90
CA ALA B 485 19.44 -14.68 -23.38
C ALA B 485 19.29 -13.22 -22.95
N MET B 486 20.40 -12.51 -22.92
CA MET B 486 20.40 -11.07 -22.65
C MET B 486 21.41 -10.40 -23.58
N SER B 487 21.24 -9.10 -23.86
CA SER B 487 22.09 -8.46 -24.88
C SER B 487 23.59 -8.50 -24.57
N SER B 488 23.96 -8.55 -23.30
CA SER B 488 25.40 -8.57 -22.99
C SER B 488 25.99 -9.98 -23.01
N GLU B 489 25.16 -10.99 -23.26
CA GLU B 489 25.66 -12.36 -23.22
C GLU B 489 25.98 -12.84 -24.63
N ILE B 490 27.27 -12.97 -24.95
CA ILE B 490 27.70 -13.44 -26.25
C ILE B 490 28.35 -14.81 -26.04
N PRO B 491 27.61 -15.88 -26.32
CA PRO B 491 28.03 -17.23 -25.90
C PRO B 491 29.07 -17.86 -26.82
N PHE B 492 30.29 -17.31 -26.78
CA PHE B 492 31.38 -17.89 -27.56
C PHE B 492 31.58 -19.38 -27.26
N GLU B 493 31.31 -19.78 -26.02
CA GLU B 493 31.56 -21.17 -25.60
C GLU B 493 30.61 -22.16 -26.26
N LYS B 494 29.55 -21.64 -26.88
CA LYS B 494 28.58 -22.49 -27.54
C LYS B 494 28.76 -22.57 -29.04
N LEU B 495 29.71 -21.82 -29.58
CA LEU B 495 29.95 -21.86 -31.02
C LEU B 495 30.50 -23.24 -31.38
N THR B 496 30.09 -23.75 -32.54
CA THR B 496 30.58 -25.03 -33.00
C THR B 496 31.10 -24.87 -34.44
N PRO B 497 32.41 -24.61 -34.57
CA PRO B 497 33.09 -24.37 -35.84
C PRO B 497 33.16 -25.63 -36.72
N LYS B 498 33.25 -25.44 -38.03
CA LYS B 498 33.27 -26.57 -38.96
C LYS B 498 34.70 -27.04 -39.22
C1 GOL C . -12.66 5.93 23.96
O1 GOL C . -12.56 6.42 22.64
C2 GOL C . -12.91 4.43 23.90
O2 GOL C . -12.10 3.85 22.89
C3 GOL C . -12.49 3.83 25.23
O3 GOL C . -11.16 4.19 25.50
C1 GOL D . -19.86 10.15 33.33
O1 GOL D . -20.18 8.94 33.97
C2 GOL D . -18.53 10.12 32.59
O2 GOL D . -17.65 11.13 33.05
C3 GOL D . -17.81 8.77 32.62
O3 GOL D . -17.45 8.45 33.95
C1 GOL E . -41.43 5.04 16.83
O1 GOL E . -42.24 5.12 17.98
C2 GOL E . -42.23 4.55 15.63
O2 GOL E . -43.56 5.03 15.68
C3 GOL E . -41.54 5.06 14.36
O3 GOL E . -42.12 4.44 13.23
C1 GOL F . -9.34 -19.75 32.17
O1 GOL F . -9.14 -18.83 31.12
C2 GOL F . -8.34 -20.90 32.06
O2 GOL F . -7.12 -20.42 31.54
C3 GOL F . -8.11 -21.50 33.44
O3 GOL F . -7.05 -22.44 33.38
C1 GOL G . -8.57 3.37 16.43
O1 GOL G . -9.70 2.56 16.19
C2 GOL G . -9.06 4.77 16.76
O2 GOL G . -9.03 5.54 15.57
C3 GOL G . -8.17 5.44 17.80
O3 GOL G . -7.93 4.58 18.91
C1 GOL H . -22.36 -4.56 31.70
O1 GOL H . -23.06 -4.87 30.51
C2 GOL H . -23.22 -3.69 32.61
O2 GOL H . -22.62 -2.41 32.75
C3 GOL H . -23.33 -4.29 34.00
O3 GOL H . -24.43 -3.69 34.65
C1 GOL I . 10.23 -5.10 6.08
O1 GOL I . 9.35 -6.04 5.50
C2 GOL I . 9.43 -3.90 6.60
O2 GOL I . 9.60 -3.81 8.00
C3 GOL I . 9.93 -2.64 5.92
O3 GOL I . 10.35 -1.73 6.92
C1 GOL J . -11.49 13.38 28.87
O1 GOL J . -12.22 14.32 29.65
C2 GOL J . -10.00 13.49 29.16
O2 GOL J . -9.40 12.21 29.10
C3 GOL J . -9.75 14.11 30.53
O3 GOL J . -8.37 14.00 30.86
S SO4 K . -30.43 -2.27 5.93
O1 SO4 K . -29.94 -2.88 7.16
O2 SO4 K . -30.79 -3.31 4.98
O3 SO4 K . -31.62 -1.47 6.23
O4 SO4 K . -29.40 -1.41 5.36
S SO4 L . 12.27 -6.55 11.31
O1 SO4 L . 13.33 -6.45 10.31
O2 SO4 L . 10.97 -6.37 10.66
O3 SO4 L . 12.33 -7.86 11.96
O4 SO4 L . 12.45 -5.50 12.31
C1 GOL M . -7.09 -6.58 -27.66
O1 GOL M . -7.58 -6.10 -26.42
C2 GOL M . -7.72 -5.79 -28.80
O2 GOL M . -8.93 -6.41 -29.19
C3 GOL M . -6.77 -5.73 -30.00
O3 GOL M . -7.36 -6.29 -31.15
C1 GOL N . 21.86 -4.95 -20.00
O1 GOL N . 22.15 -4.27 -21.19
C2 GOL N . 21.52 -6.40 -20.30
O2 GOL N . 22.40 -6.91 -21.28
C3 GOL N . 21.70 -7.22 -19.03
O3 GOL N . 23.04 -7.09 -18.60
C1 GOL O . 14.74 -1.90 -10.74
O1 GOL O . 13.84 -2.84 -10.18
C2 GOL O . 16.07 -2.55 -11.15
O2 GOL O . 16.71 -3.15 -10.04
C3 GOL O . 17.00 -1.49 -11.73
O3 GOL O . 17.07 -0.40 -10.84
C1 GOL P . -12.24 -2.06 -14.43
O1 GOL P . -12.00 -2.90 -15.53
C2 GOL P . -12.64 -2.88 -13.20
O2 GOL P . -11.80 -2.53 -12.12
C3 GOL P . -12.52 -4.37 -13.49
O3 GOL P . -11.79 -4.98 -12.44
C1 GOL Q . 44.80 -14.67 -37.31
O1 GOL Q . 44.21 -15.44 -38.34
C2 GOL Q . 44.40 -13.21 -37.49
O2 GOL Q . 44.83 -12.43 -36.39
C3 GOL Q . 44.98 -12.67 -38.78
O3 GOL Q . 44.58 -11.32 -38.95
S SO4 R . 4.27 -12.82 -38.89
O1 SO4 R . 5.31 -11.82 -39.10
O2 SO4 R . 3.00 -12.32 -39.40
O3 SO4 R . 4.63 -14.04 -39.61
O4 SO4 R . 4.15 -13.12 -37.46
S SO4 S . 47.57 -16.59 -32.17
O1 SO4 S . 48.85 -16.20 -32.74
O2 SO4 S . 46.55 -16.58 -33.22
O3 SO4 S . 47.68 -17.93 -31.61
O4 SO4 S . 47.19 -15.65 -31.12
#